data_7E0T
#
_entry.id   7E0T
#
_cell.length_a   85.897
_cell.length_b   97.105
_cell.length_c   131.601
_cell.angle_alpha   90.000
_cell.angle_beta   90.000
_cell.angle_gamma   90.000
#
_symmetry.space_group_name_H-M   'P 21 21 21'
#
loop_
_entity.id
_entity.type
_entity.pdbx_description
1 polymer 'Indoleamine 2,3-dioxygenase 1'
2 non-polymer 'PROTOPORPHYRIN IX CONTAINING FE'
3 non-polymer (1~{R},2~{S})-2-[[(5-bromanyl-1~{H}-indazol-4-yl)amino]methyl]cyclohexan-1-ol
4 water water
#
_entity_poly.entity_id   1
_entity_poly.type   'polypeptide(L)'
_entity_poly.pdbx_seq_one_letter_code
;SKEYHIDEEVGFALPNPQENLPDFYNDWMFIAKHLPDLIESGQLRERVEKLNMLSIDHLTDHKSQRLARLVLGCITMAYV
WGKGHGDVRKVLPRNIAVPYCQLSKKLELPPILVYADCVLANWKKKDPNKPLTYENMDVLFSFRDGDCSKGFFLVSLLVE
IAAASAIKVIPTVFKAMQMQERDTLLKALLEIASCLEKALQVFHQIHDHVNPKAFFSVLRIYLSGWKGNPQLSDGLVYEG
FWEDPKEFAGGSAGQSSVFQCFDVLLGIQQTAGGGHAAQFLQDMRRYMPPAHRNFLCSLESNPSVREFVLSKGDAGLREA
YDACVKALVSLRSYHLQIVTKYILIPASQQPKENKTSEDPSKLEAKGTGGTDLMNFLKTVRSTTEKSLLKEG
;
_entity_poly.pdbx_strand_id   A,B
#
loop_
_chem_comp.id
_chem_comp.type
_chem_comp.name
_chem_comp.formula
HEM non-polymer 'PROTOPORPHYRIN IX CONTAINING FE' 'C34 H32 Fe N4 O4'
HU9 non-polymer (1~{R},2~{S})-2-[[(5-bromanyl-1~{H}-indazol-4-yl)amino]methyl]cyclohexan-1-ol 'C14 H18 Br N3 O'
#
# COMPACT_ATOMS: atom_id res chain seq x y z
N SER A 1 0.87 23.95 2.84
CA SER A 1 1.62 22.69 2.66
C SER A 1 2.42 22.71 1.34
N LYS A 2 3.76 22.95 1.24
CA LYS A 2 4.79 23.07 2.31
C LYS A 2 5.42 21.69 2.67
N GLU A 3 4.87 20.97 3.65
CA GLU A 3 5.35 19.61 3.92
C GLU A 3 4.76 18.57 2.96
N TYR A 4 3.64 18.87 2.29
CA TYR A 4 2.96 17.95 1.38
C TYR A 4 3.03 18.35 -0.09
N HIS A 5 3.78 19.39 -0.43
CA HIS A 5 4.00 19.78 -1.82
C HIS A 5 2.67 19.92 -2.53
N ILE A 6 1.77 20.65 -1.87
CA ILE A 6 0.45 20.96 -2.39
C ILE A 6 0.37 22.46 -2.54
N ASP A 7 0.18 22.93 -3.78
CA ASP A 7 0.06 24.34 -4.01
C ASP A 7 -1.39 24.80 -3.88
N GLU A 8 -1.56 26.00 -3.33
CA GLU A 8 -2.92 26.52 -3.14
C GLU A 8 -3.62 26.81 -4.47
N GLU A 9 -2.87 27.17 -5.53
CA GLU A 9 -3.45 27.46 -6.84
C GLU A 9 -3.55 26.24 -7.76
N VAL A 10 -2.55 25.36 -7.75
CA VAL A 10 -2.47 24.24 -8.68
C VAL A 10 -2.46 22.88 -7.97
N GLY A 11 -2.44 22.86 -6.64
CA GLY A 11 -2.59 21.60 -5.93
C GLY A 11 -1.46 20.64 -6.11
N PHE A 12 -1.76 19.49 -6.70
CA PHE A 12 -0.75 18.45 -6.84
C PHE A 12 0.20 18.74 -7.99
N ALA A 13 -0.18 19.61 -8.92
CA ALA A 13 0.75 20.02 -9.96
C ALA A 13 1.96 20.68 -9.32
N LEU A 14 3.10 20.49 -9.95
CA LEU A 14 4.29 21.27 -9.62
C LEU A 14 4.02 22.70 -10.06
N PRO A 15 4.09 23.69 -9.17
CA PRO A 15 3.89 25.08 -9.63
C PRO A 15 5.11 25.57 -10.38
N ASN A 16 4.88 26.40 -11.41
CA ASN A 16 5.92 27.08 -12.19
C ASN A 16 7.07 26.13 -12.51
N PRO A 17 6.83 25.02 -13.17
CA PRO A 17 7.92 24.08 -13.43
C PRO A 17 9.03 24.71 -14.25
N GLN A 18 10.25 24.25 -13.99
CA GLN A 18 11.40 24.74 -14.71
C GLN A 18 11.35 24.29 -16.15
N GLU A 19 11.72 25.18 -17.10
CA GLU A 19 11.84 24.78 -18.50
C GLU A 19 13.23 24.41 -18.91
N ASN A 20 14.25 24.97 -18.27
CA ASN A 20 15.61 24.84 -18.75
C ASN A 20 16.48 24.19 -17.69
N LEU A 21 17.45 23.42 -18.16
CA LEU A 21 18.40 22.86 -17.24
C LEU A 21 19.72 23.63 -17.31
N PRO A 22 20.50 23.54 -16.24
CA PRO A 22 21.88 24.05 -16.31
C PRO A 22 22.55 23.57 -17.59
N ASP A 23 23.32 24.47 -18.21
CA ASP A 23 24.02 24.14 -19.45
C ASP A 23 24.80 22.82 -19.37
N PHE A 24 25.18 22.38 -18.17
CA PHE A 24 25.91 21.11 -18.06
C PHE A 24 25.12 19.93 -18.62
N TYR A 25 23.80 20.06 -18.77
CA TYR A 25 22.94 18.97 -19.24
C TYR A 25 22.37 19.22 -20.62
N ASN A 26 23.03 20.03 -21.46
CA ASN A 26 22.45 20.34 -22.76
C ASN A 26 22.39 19.11 -23.65
N ASP A 27 23.29 18.15 -23.43
CA ASP A 27 23.26 16.93 -24.23
C ASP A 27 21.96 16.20 -24.03
N TRP A 28 21.51 16.08 -22.77
CA TRP A 28 20.18 15.56 -22.47
C TRP A 28 19.09 16.39 -23.13
N MET A 29 19.16 17.71 -22.98
CA MET A 29 18.01 18.50 -23.40
C MET A 29 17.92 18.62 -24.89
N PHE A 30 19.04 18.57 -25.61
CA PHE A 30 18.95 18.63 -27.06
C PHE A 30 18.10 17.48 -27.58
N ILE A 31 18.30 16.28 -27.03
CA ILE A 31 17.49 15.12 -27.43
C ILE A 31 16.03 15.30 -27.05
N ALA A 32 15.76 15.50 -25.76
CA ALA A 32 14.38 15.56 -25.29
C ALA A 32 13.56 16.61 -26.02
N LYS A 33 14.19 17.72 -26.43
CA LYS A 33 13.44 18.84 -26.99
C LYS A 33 13.05 18.63 -28.46
N HIS A 34 13.68 17.69 -29.17
CA HIS A 34 13.44 17.45 -30.60
C HIS A 34 13.13 15.97 -30.85
N LEU A 35 12.30 15.38 -30.01
CA LEU A 35 12.02 13.95 -30.14
C LEU A 35 11.20 13.68 -31.39
N PRO A 36 10.22 14.51 -31.74
CA PRO A 36 9.46 14.23 -32.96
C PRO A 36 10.38 14.03 -34.15
N ASP A 37 11.24 15.02 -34.40
CA ASP A 37 12.15 15.02 -35.54
C ASP A 37 13.19 13.90 -35.45
N LEU A 38 13.77 13.65 -34.26
CA LEU A 38 14.83 12.65 -34.11
C LEU A 38 14.33 11.22 -34.19
N ILE A 39 13.06 10.97 -33.82
CA ILE A 39 12.46 9.63 -33.86
C ILE A 39 12.07 9.30 -35.29
N GLU A 40 11.30 10.19 -35.91
CA GLU A 40 10.84 10.05 -37.29
C GLU A 40 12.01 9.79 -38.24
N SER A 41 13.14 10.45 -37.98
CA SER A 41 14.27 10.45 -38.88
C SER A 41 15.26 9.34 -38.60
N GLY A 42 15.17 8.68 -37.44
CA GLY A 42 15.96 7.51 -37.12
C GLY A 42 17.25 7.78 -36.39
N GLN A 43 17.49 9.02 -35.98
CA GLN A 43 18.71 9.34 -35.26
C GLN A 43 18.60 9.14 -33.76
N LEU A 44 17.38 9.07 -33.20
CA LEU A 44 17.25 9.15 -31.75
C LEU A 44 18.05 8.05 -31.05
N ARG A 45 17.87 6.81 -31.47
CA ARG A 45 18.59 5.74 -30.80
C ARG A 45 20.09 6.00 -30.87
N GLU A 46 20.66 6.17 -32.09
CA GLU A 46 22.11 6.37 -32.20
C GLU A 46 22.56 7.52 -31.28
N ARG A 47 21.74 8.56 -31.17
CA ARG A 47 22.09 9.70 -30.30
C ARG A 47 22.04 9.37 -28.81
N VAL A 48 21.18 8.44 -28.39
CA VAL A 48 21.23 8.06 -26.99
C VAL A 48 22.43 7.19 -26.75
N GLU A 49 22.90 6.48 -27.78
CA GLU A 49 24.06 5.62 -27.60
C GLU A 49 25.35 6.44 -27.56
N LYS A 50 25.42 7.51 -28.35
CA LYS A 50 26.59 8.37 -28.42
C LYS A 50 26.58 9.45 -27.33
N LEU A 51 25.90 9.18 -26.20
CA LEU A 51 25.82 10.12 -25.08
C LEU A 51 26.83 9.73 -24.00
N ASN A 52 27.46 10.74 -23.40
CA ASN A 52 28.33 10.49 -22.26
C ASN A 52 27.51 10.40 -20.98
N MET A 53 28.02 9.63 -20.02
CA MET A 53 27.38 9.53 -18.72
C MET A 53 27.64 10.79 -17.92
N LEU A 54 26.58 11.43 -17.41
CA LEU A 54 26.72 12.67 -16.66
C LEU A 54 26.19 12.49 -15.24
N SER A 55 26.84 13.19 -14.31
CA SER A 55 26.51 13.12 -12.89
C SER A 55 25.20 13.83 -12.68
N ILE A 56 24.52 13.46 -11.59
CA ILE A 56 23.35 14.22 -11.17
C ILE A 56 23.71 15.23 -10.07
N ASP A 57 24.98 15.32 -9.68
CA ASP A 57 25.39 16.25 -8.64
C ASP A 57 25.04 17.69 -8.99
N HIS A 58 24.83 18.01 -10.27
CA HIS A 58 24.60 19.38 -10.70
C HIS A 58 23.12 19.74 -10.77
N LEU A 59 22.24 18.85 -10.34
CA LEU A 59 20.83 19.14 -10.21
C LEU A 59 20.60 19.59 -8.77
N THR A 60 20.63 20.92 -8.57
CA THR A 60 20.62 21.51 -7.24
C THR A 60 19.29 21.27 -6.52
N ASP A 61 18.21 21.83 -7.04
CA ASP A 61 16.93 21.89 -6.33
C ASP A 61 15.92 20.93 -6.93
N HIS A 62 14.76 20.87 -6.27
CA HIS A 62 13.73 19.89 -6.59
C HIS A 62 13.09 20.17 -7.94
N LYS A 63 12.82 21.45 -8.24
CA LYS A 63 12.28 21.79 -9.56
C LYS A 63 13.20 21.36 -10.70
N SER A 64 14.50 21.27 -10.45
CA SER A 64 15.45 20.86 -11.49
C SER A 64 15.56 19.36 -11.58
N GLN A 65 15.51 18.68 -10.43
CA GLN A 65 15.48 17.24 -10.48
C GLN A 65 14.24 16.76 -11.23
N ARG A 66 13.11 17.43 -11.01
CA ARG A 66 11.86 16.97 -11.61
C ARG A 66 11.89 17.17 -13.12
N LEU A 67 12.42 18.31 -13.56
CA LEU A 67 12.64 18.51 -14.99
C LEU A 67 13.52 17.42 -15.56
N ALA A 68 14.56 17.04 -14.83
CA ALA A 68 15.50 16.06 -15.37
C ALA A 68 14.85 14.69 -15.49
N ARG A 69 14.16 14.27 -14.44
CA ARG A 69 13.31 13.08 -14.48
C ARG A 69 12.34 13.12 -15.65
N LEU A 70 11.86 14.29 -16.00
CA LEU A 70 10.96 14.38 -17.12
C LEU A 70 11.72 14.29 -18.45
N VAL A 71 12.89 14.95 -18.57
CA VAL A 71 13.74 14.83 -19.76
C VAL A 71 14.17 13.37 -19.93
N LEU A 72 14.72 12.77 -18.88
CA LEU A 72 15.19 11.40 -18.99
C LEU A 72 14.07 10.41 -19.23
N GLY A 73 12.88 10.67 -18.68
CA GLY A 73 11.79 9.72 -18.80
C GLY A 73 11.26 9.69 -20.23
N CYS A 74 10.98 10.86 -20.80
CA CYS A 74 10.54 10.89 -22.17
C CYS A 74 11.60 10.30 -23.11
N ILE A 75 12.89 10.60 -22.86
CA ILE A 75 13.94 10.07 -23.72
C ILE A 75 13.95 8.55 -23.66
N THR A 76 13.69 7.98 -22.47
CA THR A 76 13.68 6.53 -22.27
C THR A 76 12.47 5.88 -22.96
N MET A 77 11.32 6.56 -22.96
CA MET A 77 10.19 6.09 -23.78
C MET A 77 10.55 6.07 -25.25
N ALA A 78 11.16 7.15 -25.73
CA ALA A 78 11.53 7.25 -27.14
C ALA A 78 12.57 6.20 -27.54
N TYR A 79 13.59 6.00 -26.71
CA TYR A 79 14.55 4.94 -26.98
C TYR A 79 13.91 3.55 -26.97
N VAL A 80 13.12 3.23 -25.93
CA VAL A 80 12.60 1.87 -25.78
C VAL A 80 11.63 1.51 -26.91
N TRP A 81 10.77 2.47 -27.30
CA TRP A 81 9.69 2.28 -28.26
C TRP A 81 9.98 2.79 -29.67
N GLY A 82 11.03 3.57 -29.88
CA GLY A 82 11.39 3.91 -31.24
C GLY A 82 10.30 4.69 -31.92
N LYS A 83 10.12 4.43 -33.22
CA LYS A 83 9.02 5.03 -33.98
C LYS A 83 7.63 4.59 -33.52
N GLY A 84 7.54 3.63 -32.60
CA GLY A 84 6.26 3.29 -32.04
C GLY A 84 5.44 2.37 -32.92
N HIS A 85 6.12 1.51 -33.66
CA HIS A 85 5.50 0.56 -34.58
C HIS A 85 5.88 -0.86 -34.22
N GLY A 86 6.53 -1.08 -33.09
CA GLY A 86 6.79 -2.43 -32.60
C GLY A 86 8.26 -2.83 -32.53
N ASP A 87 9.24 -2.01 -32.93
CA ASP A 87 10.64 -2.41 -32.80
C ASP A 87 11.16 -1.92 -31.46
N VAL A 88 11.42 -2.84 -30.56
CA VAL A 88 11.65 -2.55 -29.16
C VAL A 88 13.12 -2.67 -28.85
N ARG A 89 13.63 -1.72 -28.06
CA ARG A 89 14.90 -1.91 -27.38
C ARG A 89 14.62 -2.44 -25.99
N LYS A 90 15.41 -3.43 -25.58
CA LYS A 90 15.26 -4.09 -24.29
C LYS A 90 16.38 -3.73 -23.34
N VAL A 91 17.28 -2.85 -23.75
CA VAL A 91 18.39 -2.40 -22.94
C VAL A 91 18.46 -0.89 -23.03
N LEU A 92 18.48 -0.24 -21.89
CA LEU A 92 18.63 1.19 -21.84
C LEU A 92 20.12 1.48 -21.65
N PRO A 93 20.77 2.20 -22.58
CA PRO A 93 22.23 2.36 -22.51
C PRO A 93 22.69 2.87 -21.16
N ARG A 94 23.78 2.29 -20.66
CA ARG A 94 24.22 2.63 -19.31
C ARG A 94 24.45 4.13 -19.15
N ASN A 95 24.84 4.80 -20.23
CA ASN A 95 25.21 6.20 -20.14
C ASN A 95 24.02 7.09 -19.79
N ILE A 96 22.81 6.57 -19.90
CA ILE A 96 21.59 7.29 -19.53
C ILE A 96 20.83 6.52 -18.45
N ALA A 97 20.92 5.19 -18.46
CA ALA A 97 20.24 4.38 -17.44
C ALA A 97 20.73 4.71 -16.04
N VAL A 98 22.02 4.93 -15.87
CA VAL A 98 22.56 5.18 -14.53
C VAL A 98 22.08 6.52 -14.00
N PRO A 99 22.25 7.66 -14.69
CA PRO A 99 21.68 8.90 -14.13
C PRO A 99 20.16 8.85 -13.91
N TYR A 100 19.36 8.24 -14.82
CA TYR A 100 17.91 8.16 -14.62
C TYR A 100 17.57 7.39 -13.35
N CYS A 101 18.28 6.29 -13.08
CA CYS A 101 18.07 5.54 -11.85
C CYS A 101 18.59 6.29 -10.63
N GLN A 102 19.80 6.83 -10.71
CA GLN A 102 20.33 7.60 -9.58
C GLN A 102 19.36 8.72 -9.20
N LEU A 103 18.94 9.52 -10.17
CA LEU A 103 18.00 10.63 -9.92
C LEU A 103 16.67 10.12 -9.39
N SER A 104 16.13 9.05 -10.00
CA SER A 104 14.92 8.41 -9.50
C SER A 104 15.06 8.05 -8.02
N LYS A 105 16.08 7.26 -7.67
CA LYS A 105 16.27 6.87 -6.27
C LYS A 105 16.33 8.09 -5.35
N LYS A 106 16.88 9.20 -5.83
CA LYS A 106 16.85 10.43 -5.03
C LYS A 106 15.40 10.83 -4.73
N LEU A 107 14.56 10.82 -5.75
CA LEU A 107 13.21 11.31 -5.60
C LEU A 107 12.25 10.23 -5.11
N GLU A 108 12.74 9.02 -4.87
CA GLU A 108 11.93 7.87 -4.42
C GLU A 108 10.83 7.56 -5.40
N LEU A 109 11.11 7.74 -6.67
CA LEU A 109 10.21 7.40 -7.73
C LEU A 109 10.83 6.31 -8.59
N PRO A 110 10.04 5.63 -9.41
CA PRO A 110 10.58 4.61 -10.23
C PRO A 110 11.19 5.22 -11.49
N PRO A 111 12.22 4.52 -12.11
CA PRO A 111 12.89 5.00 -13.33
C PRO A 111 12.00 4.65 -14.51
N ILE A 112 10.98 5.48 -14.67
CA ILE A 112 10.01 5.38 -15.76
C ILE A 112 9.14 6.62 -15.69
N LEU A 113 8.77 7.10 -16.84
CA LEU A 113 7.88 8.24 -16.88
C LEU A 113 6.58 7.94 -16.12
N VAL A 114 6.29 8.73 -15.08
CA VAL A 114 5.07 8.56 -14.32
C VAL A 114 4.20 9.81 -14.46
N TYR A 115 2.94 9.66 -14.04
CA TYR A 115 1.98 10.77 -14.07
C TYR A 115 2.57 12.09 -13.58
N ALA A 116 3.23 12.06 -12.44
CA ALA A 116 3.79 13.29 -11.90
C ALA A 116 4.88 13.88 -12.81
N ASP A 117 5.48 13.06 -13.69
CA ASP A 117 6.44 13.58 -14.67
C ASP A 117 5.71 14.26 -15.83
N CYS A 118 4.88 13.51 -16.54
CA CYS A 118 4.38 14.00 -17.82
C CYS A 118 3.14 14.86 -17.71
N VAL A 119 2.56 15.03 -16.53
CA VAL A 119 1.41 15.90 -16.32
C VAL A 119 1.82 17.00 -15.35
N LEU A 120 2.21 16.61 -14.15
CA LEU A 120 2.33 17.57 -13.05
C LEU A 120 3.54 18.51 -13.24
N ALA A 121 4.63 18.05 -13.87
CA ALA A 121 5.82 18.85 -14.16
C ALA A 121 5.94 19.30 -15.62
N ASN A 122 5.09 18.82 -16.49
CA ASN A 122 5.32 18.98 -17.91
C ASN A 122 4.41 20.05 -18.48
N TRP A 123 4.53 21.27 -17.97
CA TRP A 123 3.74 22.38 -18.46
C TRP A 123 4.42 23.71 -18.19
N LYS A 124 3.80 24.77 -18.72
CA LYS A 124 4.25 26.13 -18.52
C LYS A 124 3.13 27.06 -18.97
N LYS A 125 3.08 28.23 -18.36
CA LYS A 125 2.26 29.32 -18.89
C LYS A 125 2.95 29.96 -20.08
N LYS A 126 2.15 30.43 -21.04
CA LYS A 126 2.69 31.16 -22.19
C LYS A 126 3.07 32.58 -21.78
N ASP A 127 2.09 33.31 -21.27
CA ASP A 127 2.29 34.64 -20.69
C ASP A 127 2.09 34.51 -19.18
N PRO A 128 3.12 34.65 -18.34
CA PRO A 128 2.92 34.36 -16.90
C PRO A 128 1.91 35.29 -16.22
N ASN A 129 1.58 36.43 -16.83
CA ASN A 129 0.67 37.37 -16.18
C ASN A 129 -0.76 37.21 -16.65
N LYS A 130 -1.01 36.26 -17.55
CA LYS A 130 -2.37 35.85 -17.89
C LYS A 130 -2.79 34.65 -17.02
N PRO A 131 -4.01 34.11 -17.17
CA PRO A 131 -4.46 33.04 -16.28
C PRO A 131 -4.14 31.64 -16.81
N LEU A 132 -4.40 30.63 -15.98
CA LEU A 132 -4.16 29.22 -16.33
C LEU A 132 -5.34 28.67 -17.14
N THR A 133 -5.34 28.96 -18.43
CA THR A 133 -6.29 28.39 -19.37
C THR A 133 -5.52 27.64 -20.44
N TYR A 134 -6.22 26.77 -21.16
CA TYR A 134 -5.54 25.97 -22.18
C TYR A 134 -4.75 26.88 -23.14
N GLU A 135 -5.44 27.90 -23.63
CA GLU A 135 -4.92 28.81 -24.64
C GLU A 135 -3.69 29.58 -24.16
N ASN A 136 -3.45 29.65 -22.85
CA ASN A 136 -2.28 30.32 -22.30
C ASN A 136 -1.29 29.33 -21.71
N MET A 137 -1.36 28.04 -22.07
CA MET A 137 -0.39 27.09 -21.56
C MET A 137 0.11 26.18 -22.68
N ASP A 138 1.16 25.45 -22.36
CA ASP A 138 1.75 24.51 -23.29
C ASP A 138 2.48 23.46 -22.47
N VAL A 139 2.88 22.38 -23.13
CA VAL A 139 3.67 21.36 -22.49
C VAL A 139 5.14 21.64 -22.78
N LEU A 140 6.01 20.92 -22.08
CA LEU A 140 7.42 21.13 -22.32
C LEU A 140 7.90 20.14 -23.37
N PHE A 141 7.38 18.91 -23.29
CA PHE A 141 7.84 17.84 -24.13
C PHE A 141 6.67 17.08 -24.77
N SER A 142 6.98 16.53 -25.95
CA SER A 142 6.13 15.65 -26.74
C SER A 142 6.99 14.54 -27.34
N PHE A 143 6.33 13.54 -27.91
CA PHE A 143 7.03 12.40 -28.47
C PHE A 143 7.05 12.43 -29.99
N ARG A 144 5.97 12.88 -30.62
CA ARG A 144 5.84 12.92 -32.06
C ARG A 144 4.87 14.03 -32.41
N ASP A 145 5.15 14.69 -33.53
CA ASP A 145 4.21 15.68 -34.05
C ASP A 145 2.87 14.98 -34.21
N GLY A 146 1.80 15.65 -33.78
CA GLY A 146 0.46 15.10 -33.98
C GLY A 146 0.02 14.06 -32.96
N ASP A 147 0.89 13.67 -31.97
CA ASP A 147 0.50 12.68 -30.93
C ASP A 147 -0.42 13.25 -29.92
N CYS A 148 -0.92 14.47 -30.08
CA CYS A 148 -1.94 15.03 -29.19
C CYS A 148 -1.49 15.06 -27.74
N SER A 149 -0.19 15.10 -27.48
CA SER A 149 0.29 15.07 -26.12
C SER A 149 -0.02 16.37 -25.38
N LYS A 150 -0.10 17.51 -26.08
CA LYS A 150 -0.43 18.74 -25.38
C LYS A 150 -1.85 18.68 -24.81
N GLY A 151 -2.84 18.33 -25.63
CA GLY A 151 -4.22 18.31 -25.15
C GLY A 151 -4.44 17.30 -24.03
N PHE A 152 -3.88 16.11 -24.18
CA PHE A 152 -3.97 15.08 -23.15
C PHE A 152 -3.31 15.51 -21.85
N PHE A 153 -2.02 15.86 -21.88
CA PHE A 153 -1.37 16.20 -20.62
C PHE A 153 -1.97 17.46 -20.00
N LEU A 154 -2.31 18.46 -20.82
CA LEU A 154 -2.79 19.72 -20.27
C LEU A 154 -4.20 19.60 -19.71
N VAL A 155 -5.08 18.87 -20.40
CA VAL A 155 -6.45 18.76 -19.89
C VAL A 155 -6.47 17.96 -18.59
N SER A 156 -5.71 16.87 -18.52
CA SER A 156 -5.47 16.23 -17.24
C SER A 156 -4.97 17.21 -16.21
N LEU A 157 -4.00 18.05 -16.62
CA LEU A 157 -3.45 19.06 -15.71
C LEU A 157 -4.52 20.07 -15.31
N LEU A 158 -5.35 20.50 -16.24
CA LEU A 158 -6.34 21.52 -15.92
C LEU A 158 -7.40 20.98 -14.97
N VAL A 159 -7.68 19.68 -15.07
CA VAL A 159 -8.53 19.03 -14.12
C VAL A 159 -7.83 18.97 -12.76
N GLU A 160 -6.58 18.55 -12.71
CA GLU A 160 -5.89 18.65 -11.42
C GLU A 160 -5.98 20.05 -10.81
N ILE A 161 -5.86 21.09 -11.63
CA ILE A 161 -5.81 22.45 -11.10
C ILE A 161 -7.16 22.83 -10.55
N ALA A 162 -8.24 22.45 -11.28
CA ALA A 162 -9.60 22.65 -10.82
C ALA A 162 -9.91 21.91 -9.52
N ALA A 163 -9.32 20.74 -9.32
CA ALA A 163 -9.42 20.04 -8.04
C ALA A 163 -8.70 20.75 -6.92
N ALA A 164 -7.69 21.58 -7.21
CA ALA A 164 -6.95 22.30 -6.18
C ALA A 164 -7.86 23.12 -5.30
N SER A 165 -8.91 23.69 -5.89
CA SER A 165 -9.85 24.55 -5.17
C SER A 165 -10.54 23.82 -4.02
N ALA A 166 -10.71 22.49 -4.15
CA ALA A 166 -11.30 21.65 -3.13
C ALA A 166 -10.25 21.16 -2.14
N ILE A 167 -9.07 20.81 -2.63
CA ILE A 167 -8.02 20.29 -1.76
C ILE A 167 -7.73 21.25 -0.61
N LYS A 168 -7.74 22.55 -0.87
CA LYS A 168 -7.40 23.51 0.18
C LYS A 168 -8.47 23.59 1.25
N VAL A 169 -9.63 22.96 1.03
CA VAL A 169 -10.73 22.93 2.01
C VAL A 169 -10.63 21.74 2.95
N ILE A 170 -9.81 20.73 2.62
CA ILE A 170 -9.75 19.53 3.46
C ILE A 170 -9.35 19.86 4.88
N PRO A 171 -8.39 20.73 5.14
CA PRO A 171 -8.11 21.06 6.54
C PRO A 171 -9.37 21.46 7.28
N THR A 172 -10.23 22.30 6.68
CA THR A 172 -11.35 22.82 7.43
C THR A 172 -12.34 21.69 7.75
N VAL A 173 -12.37 20.65 6.92
CA VAL A 173 -13.26 19.51 7.15
C VAL A 173 -12.89 18.81 8.44
N PHE A 174 -11.63 18.42 8.59
CA PHE A 174 -11.23 17.67 9.78
C PHE A 174 -11.23 18.55 11.03
N LYS A 175 -10.90 19.83 10.87
CA LYS A 175 -10.96 20.77 12.00
C LYS A 175 -12.40 21.01 12.44
N ALA A 176 -13.33 21.12 11.50
CA ALA A 176 -14.73 21.23 11.89
C ALA A 176 -15.22 19.99 12.59
N MET A 177 -14.64 18.83 12.29
CA MET A 177 -15.08 17.63 13.00
C MET A 177 -14.57 17.66 14.43
N GLN A 178 -13.27 17.92 14.58
CA GLN A 178 -12.60 18.01 15.88
C GLN A 178 -13.32 19.00 16.82
N MET A 179 -13.55 20.23 16.34
CA MET A 179 -14.19 21.29 17.11
C MET A 179 -15.70 21.15 17.15
N GLN A 180 -16.24 20.20 16.40
CA GLN A 180 -17.67 19.90 16.40
C GLN A 180 -18.46 21.17 16.05
N GLU A 181 -18.13 21.68 14.88
CA GLU A 181 -18.73 22.85 14.25
C GLU A 181 -19.53 22.35 13.03
N ARG A 182 -20.79 21.97 13.26
CA ARG A 182 -21.54 21.28 12.21
C ARG A 182 -21.82 22.17 11.03
N ASP A 183 -21.95 23.47 11.26
CA ASP A 183 -22.25 24.37 10.17
C ASP A 183 -21.02 24.59 9.28
N THR A 184 -19.85 24.76 9.90
CA THR A 184 -18.59 24.85 9.18
C THR A 184 -18.38 23.60 8.31
N LEU A 185 -18.61 22.42 8.88
CA LEU A 185 -18.42 21.19 8.11
C LEU A 185 -19.35 21.14 6.91
N LEU A 186 -20.63 21.48 7.08
CA LEU A 186 -21.52 21.40 5.93
C LEU A 186 -21.08 22.37 4.85
N LYS A 187 -20.64 23.56 5.24
CA LYS A 187 -20.24 24.52 4.24
C LYS A 187 -19.01 24.03 3.50
N ALA A 188 -18.13 23.30 4.19
CA ALA A 188 -16.91 22.78 3.57
C ALA A 188 -17.20 21.64 2.62
N LEU A 189 -18.11 20.72 2.99
CA LEU A 189 -18.47 19.65 2.08
C LEU A 189 -19.18 20.16 0.82
N LEU A 190 -20.04 21.16 0.96
CA LEU A 190 -20.69 21.70 -0.23
C LEU A 190 -19.72 22.48 -1.13
N GLU A 191 -18.70 23.09 -0.53
CA GLU A 191 -17.67 23.77 -1.31
C GLU A 191 -16.79 22.75 -2.02
N ILE A 192 -16.46 21.63 -1.37
CA ILE A 192 -15.74 20.56 -2.04
C ILE A 192 -16.56 20.02 -3.21
N ALA A 193 -17.85 19.77 -2.99
CA ALA A 193 -18.66 19.28 -4.08
C ALA A 193 -18.71 20.28 -5.22
N SER A 194 -18.82 21.56 -4.88
CA SER A 194 -18.96 22.57 -5.92
C SER A 194 -17.73 22.56 -6.81
N CYS A 195 -16.53 22.50 -6.21
CA CYS A 195 -15.32 22.49 -7.01
C CYS A 195 -15.18 21.23 -7.87
N LEU A 196 -15.66 20.07 -7.39
CA LEU A 196 -15.59 18.84 -8.19
C LEU A 196 -16.66 18.82 -9.28
N GLU A 197 -17.76 19.55 -9.07
CA GLU A 197 -18.75 19.73 -10.13
C GLU A 197 -18.16 20.56 -11.27
N LYS A 198 -17.44 21.63 -10.94
CA LYS A 198 -16.81 22.50 -11.93
C LYS A 198 -15.75 21.75 -12.72
N ALA A 199 -14.97 20.90 -12.03
CA ALA A 199 -13.93 20.13 -12.68
C ALA A 199 -14.49 19.19 -13.73
N LEU A 200 -15.79 18.94 -13.74
CA LEU A 200 -16.34 18.11 -14.79
C LEU A 200 -16.30 18.86 -16.12
N GLN A 201 -16.69 20.14 -16.09
CA GLN A 201 -16.75 20.96 -17.30
C GLN A 201 -15.41 20.98 -18.01
N VAL A 202 -14.34 21.12 -17.23
CA VAL A 202 -12.96 21.08 -17.71
C VAL A 202 -12.67 19.83 -18.55
N PHE A 203 -13.15 18.69 -18.12
CA PHE A 203 -12.99 17.46 -18.90
C PHE A 203 -13.49 17.59 -20.33
N HIS A 204 -14.42 18.52 -20.60
CA HIS A 204 -14.99 18.60 -21.94
C HIS A 204 -13.95 19.06 -22.97
N GLN A 205 -12.94 19.82 -22.56
CA GLN A 205 -11.90 20.25 -23.49
C GLN A 205 -11.19 19.07 -24.12
N ILE A 206 -11.32 17.85 -23.55
CA ILE A 206 -10.53 16.73 -24.09
C ILE A 206 -10.93 16.47 -25.53
N HIS A 207 -12.18 16.79 -25.90
CA HIS A 207 -12.69 16.48 -27.23
C HIS A 207 -12.15 17.42 -28.29
N ASP A 208 -11.90 18.67 -27.90
CA ASP A 208 -11.38 19.68 -28.80
C ASP A 208 -9.91 19.45 -29.10
N HIS A 209 -9.14 19.01 -28.11
CA HIS A 209 -7.69 18.97 -28.26
C HIS A 209 -7.09 17.58 -28.35
N VAL A 210 -7.88 16.52 -28.45
CA VAL A 210 -7.33 15.17 -28.58
C VAL A 210 -8.14 14.40 -29.61
N ASN A 211 -7.47 13.71 -30.47
CA ASN A 211 -8.11 13.01 -31.56
C ASN A 211 -7.99 11.52 -31.28
N PRO A 212 -9.07 10.72 -31.39
CA PRO A 212 -8.96 9.31 -30.97
C PRO A 212 -7.90 8.50 -31.68
N LYS A 213 -7.76 8.65 -33.00
CA LYS A 213 -6.79 7.85 -33.74
C LYS A 213 -5.35 8.16 -33.30
N ALA A 214 -5.00 9.44 -33.14
CA ALA A 214 -3.66 9.80 -32.64
C ALA A 214 -3.40 9.28 -31.22
N PHE A 215 -4.36 9.49 -30.29
CA PHE A 215 -4.15 9.00 -28.93
C PHE A 215 -3.98 7.47 -28.91
N PHE A 216 -4.89 6.73 -29.57
CA PHE A 216 -4.83 5.27 -29.44
C PHE A 216 -3.59 4.70 -30.12
N SER A 217 -3.22 5.20 -31.31
CA SER A 217 -2.18 4.56 -32.11
C SER A 217 -0.78 5.12 -31.87
N VAL A 218 -0.68 6.32 -31.30
CA VAL A 218 0.64 6.91 -31.09
C VAL A 218 0.89 7.19 -29.62
N LEU A 219 0.12 8.10 -29.02
CA LEU A 219 0.49 8.51 -27.67
C LEU A 219 0.51 7.33 -26.74
N ARG A 220 -0.48 6.42 -26.89
CA ARG A 220 -0.62 5.31 -25.96
C ARG A 220 0.60 4.42 -26.00
N ILE A 221 1.27 4.38 -27.15
CA ILE A 221 2.45 3.52 -27.31
C ILE A 221 3.64 4.08 -26.54
N TYR A 222 3.79 5.42 -26.50
CA TYR A 222 4.92 6.03 -25.79
C TYR A 222 4.69 6.11 -24.29
N LEU A 223 3.43 6.12 -23.83
CA LEU A 223 3.16 6.08 -22.38
C LEU A 223 3.25 4.67 -21.82
N SER A 224 3.38 3.65 -22.65
CA SER A 224 3.38 2.29 -22.16
C SER A 224 4.69 1.96 -21.48
N GLY A 225 4.59 1.07 -20.49
CA GLY A 225 5.71 0.61 -19.75
C GLY A 225 6.01 -0.83 -20.06
N TRP A 226 6.75 -1.45 -19.14
CA TRP A 226 7.20 -2.83 -19.32
C TRP A 226 6.83 -3.65 -18.06
N LYS A 227 5.54 -3.71 -17.74
CA LYS A 227 5.10 -4.51 -16.61
C LYS A 227 4.02 -5.48 -17.08
N GLY A 228 4.35 -6.76 -17.14
CA GLY A 228 3.47 -7.71 -17.78
C GLY A 228 3.25 -7.37 -19.23
N ASN A 229 4.24 -6.69 -19.84
CA ASN A 229 4.16 -6.33 -21.25
C ASN A 229 4.83 -7.41 -22.07
N PRO A 230 4.11 -8.06 -22.98
CA PRO A 230 4.75 -9.09 -23.81
C PRO A 230 5.89 -8.61 -24.67
N GLN A 231 5.89 -7.33 -25.08
CA GLN A 231 6.99 -6.85 -25.91
C GLN A 231 8.31 -6.81 -25.14
N LEU A 232 8.26 -6.86 -23.81
CA LEU A 232 9.43 -7.03 -22.94
C LEU A 232 8.95 -7.96 -21.83
N SER A 233 9.06 -9.26 -22.09
CA SER A 233 8.43 -10.24 -21.21
C SER A 233 8.76 -9.94 -19.75
N ASP A 234 10.05 -9.88 -19.43
CA ASP A 234 10.55 -9.72 -18.07
C ASP A 234 11.24 -8.36 -17.89
N GLY A 235 10.67 -7.30 -18.48
CA GLY A 235 11.09 -5.96 -18.17
C GLY A 235 12.26 -5.44 -18.99
N LEU A 236 12.87 -4.36 -18.47
CA LEU A 236 13.89 -3.57 -19.17
C LEU A 236 15.19 -3.60 -18.37
N VAL A 237 16.31 -3.72 -19.09
CA VAL A 237 17.64 -3.74 -18.48
C VAL A 237 18.10 -2.30 -18.32
N TYR A 238 18.42 -1.92 -17.09
CA TYR A 238 18.96 -0.61 -16.81
C TYR A 238 20.47 -0.83 -16.74
N GLU A 239 21.13 -0.67 -17.89
CA GLU A 239 22.53 -1.05 -17.98
C GLU A 239 23.35 -0.25 -16.98
N GLY A 240 24.14 -0.95 -16.18
CA GLY A 240 25.01 -0.26 -15.26
C GLY A 240 24.40 0.13 -13.93
N PHE A 241 23.16 -0.27 -13.67
CA PHE A 241 22.51 -0.07 -12.39
C PHE A 241 21.97 -1.38 -11.83
N TRP A 242 21.31 -2.16 -12.70
CA TRP A 242 20.88 -3.51 -12.36
C TRP A 242 21.38 -4.44 -13.43
N GLU A 243 21.97 -5.55 -13.01
CA GLU A 243 22.34 -6.57 -13.98
C GLU A 243 21.12 -7.31 -14.45
N ASP A 244 20.06 -7.35 -13.60
CA ASP A 244 18.81 -8.02 -13.93
C ASP A 244 17.82 -7.04 -14.59
N PRO A 245 16.88 -7.55 -15.37
CA PRO A 245 15.86 -6.68 -15.94
C PRO A 245 14.77 -6.35 -14.92
N LYS A 246 14.27 -5.13 -14.99
CA LYS A 246 13.29 -4.65 -14.02
C LYS A 246 12.00 -4.23 -14.74
N GLU A 247 10.86 -4.63 -14.15
CA GLU A 247 9.52 -4.34 -14.65
C GLU A 247 8.93 -3.12 -13.93
N PHE A 248 8.37 -2.18 -14.69
CA PHE A 248 7.78 -0.99 -14.11
C PHE A 248 6.54 -0.65 -14.92
N ALA A 249 5.44 -0.39 -14.24
CA ALA A 249 4.21 -0.07 -14.95
C ALA A 249 4.39 1.21 -15.73
N GLY A 250 3.73 1.30 -16.87
CA GLY A 250 3.70 2.54 -17.60
C GLY A 250 2.92 3.60 -16.84
N GLY A 251 2.99 4.82 -17.37
CA GLY A 251 2.27 5.93 -16.76
C GLY A 251 0.78 5.69 -16.73
N SER A 252 0.15 6.16 -15.65
CA SER A 252 -1.26 5.97 -15.39
C SER A 252 -1.74 7.04 -14.41
N ALA A 253 -3.00 7.42 -14.54
CA ALA A 253 -3.57 8.41 -13.64
C ALA A 253 -4.03 7.80 -12.33
N GLY A 254 -3.89 6.47 -12.23
CA GLY A 254 -3.92 5.72 -11.00
C GLY A 254 -2.75 6.01 -10.09
N GLN A 255 -1.79 6.79 -10.60
CA GLN A 255 -0.70 7.42 -9.86
C GLN A 255 -1.06 8.82 -9.43
N SER A 256 -2.24 9.26 -9.79
CA SER A 256 -2.73 10.56 -9.39
C SER A 256 -3.18 10.58 -7.94
N SER A 257 -3.08 11.76 -7.33
CA SER A 257 -3.64 11.99 -6.02
C SER A 257 -4.95 12.76 -6.04
N VAL A 258 -5.41 13.24 -7.21
CA VAL A 258 -6.51 14.20 -7.17
C VAL A 258 -7.79 13.53 -6.81
N PHE A 259 -8.03 12.34 -7.37
CA PHE A 259 -9.22 11.65 -6.91
C PHE A 259 -8.90 10.83 -5.67
N GLN A 260 -7.72 10.21 -5.61
CA GLN A 260 -7.43 9.38 -4.44
C GLN A 260 -7.63 10.16 -3.15
N CYS A 261 -7.35 11.47 -3.13
CA CYS A 261 -7.46 12.14 -1.85
C CYS A 261 -8.92 12.35 -1.46
N PHE A 262 -9.81 12.44 -2.44
CA PHE A 262 -11.23 12.54 -2.12
C PHE A 262 -11.83 11.18 -1.77
N ASP A 263 -11.50 10.13 -2.51
CA ASP A 263 -11.80 8.79 -2.06
C ASP A 263 -11.44 8.64 -0.59
N VAL A 264 -10.22 8.96 -0.25
CA VAL A 264 -9.76 8.71 1.11
C VAL A 264 -10.55 9.56 2.09
N LEU A 265 -10.71 10.85 1.76
CA LEU A 265 -11.37 11.80 2.65
C LEU A 265 -12.77 11.34 2.97
N LEU A 266 -13.50 10.93 1.94
CA LEU A 266 -14.89 10.53 2.05
C LEU A 266 -15.05 9.07 2.48
N GLY A 267 -13.97 8.32 2.61
CA GLY A 267 -14.08 6.98 3.15
C GLY A 267 -14.53 5.97 2.14
N ILE A 268 -14.35 6.30 0.87
CA ILE A 268 -14.57 5.42 -0.26
C ILE A 268 -13.33 4.54 -0.37
N GLN A 269 -13.48 3.28 -0.07
CA GLN A 269 -12.31 2.44 0.15
C GLN A 269 -11.93 1.75 -1.16
N GLN A 270 -11.43 2.58 -2.07
CA GLN A 270 -10.90 2.08 -3.34
C GLN A 270 -9.76 1.07 -3.13
N THR A 271 -9.01 1.17 -2.03
CA THR A 271 -7.87 0.28 -1.83
C THR A 271 -8.18 -0.98 -1.01
N ALA A 272 -9.40 -1.15 -0.50
CA ALA A 272 -9.69 -2.33 0.31
C ALA A 272 -10.16 -3.50 -0.56
N GLY A 273 -10.03 -4.72 -0.01
CA GLY A 273 -10.84 -5.85 -0.45
C GLY A 273 -10.09 -6.96 -1.15
N GLY A 274 -8.86 -6.68 -1.65
CA GLY A 274 -8.06 -7.66 -2.37
C GLY A 274 -8.22 -7.68 -3.89
N GLY A 275 -9.21 -7.00 -4.45
CA GLY A 275 -9.49 -7.10 -5.88
C GLY A 275 -8.38 -6.52 -6.75
N HIS A 276 -8.47 -6.78 -8.07
CA HIS A 276 -7.51 -6.22 -9.01
C HIS A 276 -7.50 -4.70 -8.93
N ALA A 277 -8.67 -4.06 -8.80
CA ALA A 277 -8.71 -2.59 -8.86
C ALA A 277 -7.94 -1.98 -7.70
N ALA A 278 -8.06 -2.57 -6.54
CA ALA A 278 -7.44 -2.04 -5.33
C ALA A 278 -5.97 -2.39 -5.29
N GLN A 279 -5.60 -3.52 -5.89
CA GLN A 279 -4.19 -3.86 -6.01
C GLN A 279 -3.47 -2.83 -6.86
N PHE A 280 -4.04 -2.51 -8.02
CA PHE A 280 -3.45 -1.53 -8.92
C PHE A 280 -3.30 -0.19 -8.21
N LEU A 281 -4.38 0.30 -7.59
CA LEU A 281 -4.31 1.62 -6.98
C LEU A 281 -3.28 1.65 -5.85
N GLN A 282 -3.19 0.58 -5.05
CA GLN A 282 -2.17 0.59 -4.00
C GLN A 282 -0.76 0.46 -4.60
N ASP A 283 -0.56 -0.46 -5.56
CA ASP A 283 0.76 -0.58 -6.22
C ASP A 283 1.22 0.73 -6.80
N MET A 284 0.30 1.54 -7.31
CA MET A 284 0.55 2.80 -8.00
C MET A 284 0.83 3.94 -7.06
N ARG A 285 0.75 3.73 -5.76
CA ARG A 285 1.19 4.78 -4.85
C ARG A 285 2.70 4.87 -4.90
N ARG A 286 3.36 3.78 -5.28
CA ARG A 286 4.81 3.77 -5.44
C ARG A 286 5.29 4.70 -6.55
N TYR A 287 4.45 5.06 -7.52
CA TYR A 287 4.78 5.90 -8.66
C TYR A 287 4.32 7.32 -8.47
N MET A 288 4.10 7.67 -7.25
CA MET A 288 3.58 8.94 -6.82
C MET A 288 4.65 9.67 -6.05
N PRO A 289 4.88 10.96 -6.28
CA PRO A 289 5.89 11.67 -5.49
C PRO A 289 5.68 11.41 -4.01
N PRO A 290 6.75 11.19 -3.24
CA PRO A 290 6.56 10.73 -1.86
C PRO A 290 5.72 11.67 -1.00
N ALA A 291 5.89 12.99 -1.16
CA ALA A 291 5.12 13.97 -0.39
C ALA A 291 3.64 13.84 -0.61
N HIS A 292 3.23 13.40 -1.80
CA HIS A 292 1.82 13.21 -2.07
C HIS A 292 1.34 11.87 -1.49
N ARG A 293 2.19 10.86 -1.57
CA ARG A 293 1.93 9.60 -0.89
C ARG A 293 1.69 9.84 0.60
N ASN A 294 2.65 10.51 1.25
CA ASN A 294 2.54 10.88 2.66
C ASN A 294 1.22 11.60 2.94
N PHE A 295 0.83 12.52 2.05
CA PHE A 295 -0.41 13.27 2.25
C PHE A 295 -1.63 12.34 2.33
N LEU A 296 -1.75 11.38 1.40
CA LEU A 296 -2.83 10.38 1.44
C LEU A 296 -2.77 9.52 2.69
N CYS A 297 -1.56 9.24 3.19
CA CYS A 297 -1.41 8.58 4.49
C CYS A 297 -2.03 9.43 5.60
N SER A 298 -1.67 10.70 5.66
CA SER A 298 -2.19 11.56 6.71
C SER A 298 -3.72 11.58 6.64
N LEU A 299 -4.27 11.68 5.43
CA LEU A 299 -5.73 11.62 5.32
C LEU A 299 -6.26 10.31 5.86
N GLU A 300 -5.69 9.17 5.44
CA GLU A 300 -6.22 7.88 5.90
C GLU A 300 -6.11 7.75 7.40
N SER A 301 -5.22 8.51 8.03
CA SER A 301 -4.99 8.42 9.47
C SER A 301 -5.95 9.29 10.25
N ASN A 302 -6.61 10.23 9.59
CA ASN A 302 -7.57 11.07 10.25
C ASN A 302 -8.88 10.33 10.57
N PRO A 303 -9.68 10.87 11.49
CA PRO A 303 -11.01 10.31 11.74
C PRO A 303 -11.90 10.34 10.49
N SER A 304 -12.72 9.32 10.36
CA SER A 304 -13.53 9.20 9.17
C SER A 304 -14.56 10.32 9.09
N VAL A 305 -14.57 11.02 7.96
CA VAL A 305 -15.65 11.95 7.67
C VAL A 305 -16.95 11.20 7.47
N ARG A 306 -16.88 10.04 6.82
CA ARG A 306 -18.10 9.27 6.61
C ARG A 306 -18.72 8.84 7.94
N GLU A 307 -17.90 8.41 8.89
CA GLU A 307 -18.46 7.97 10.16
C GLU A 307 -19.08 9.14 10.90
N PHE A 308 -18.40 10.28 10.91
CA PHE A 308 -18.93 11.46 11.58
C PHE A 308 -20.31 11.83 11.03
N VAL A 309 -20.44 11.84 9.71
CA VAL A 309 -21.67 12.27 9.08
C VAL A 309 -22.80 11.33 9.38
N LEU A 310 -22.51 10.03 9.41
CA LEU A 310 -23.54 9.02 9.60
C LEU A 310 -24.00 8.91 11.03
N SER A 311 -23.20 9.38 11.96
CA SER A 311 -23.47 9.25 13.38
C SER A 311 -24.37 10.35 13.91
N LYS A 312 -24.91 11.23 13.06
CA LYS A 312 -25.39 12.51 13.54
C LYS A 312 -26.85 12.77 13.21
N GLY A 313 -27.47 11.94 12.37
CA GLY A 313 -28.89 12.06 12.16
C GLY A 313 -29.27 13.33 11.42
N ASP A 314 -28.35 13.82 10.60
CA ASP A 314 -28.40 15.17 10.06
C ASP A 314 -28.57 15.05 8.54
N ALA A 315 -29.79 15.28 8.05
CA ALA A 315 -30.01 15.12 6.63
C ALA A 315 -29.14 16.07 5.80
N GLY A 316 -28.86 17.25 6.32
CA GLY A 316 -28.13 18.24 5.54
C GLY A 316 -26.65 17.91 5.36
N LEU A 317 -26.01 17.41 6.41
CA LEU A 317 -24.67 16.85 6.26
C LEU A 317 -24.70 15.63 5.36
N ARG A 318 -25.74 14.80 5.44
CA ARG A 318 -25.69 13.63 4.58
C ARG A 318 -25.81 14.04 3.14
N GLU A 319 -26.61 15.06 2.86
CA GLU A 319 -26.72 15.54 1.50
C GLU A 319 -25.44 16.21 1.04
N ALA A 320 -24.79 16.97 1.91
CA ALA A 320 -23.54 17.59 1.52
C ALA A 320 -22.49 16.55 1.23
N TYR A 321 -22.49 15.47 2.02
CA TYR A 321 -21.53 14.40 1.79
C TYR A 321 -21.87 13.64 0.51
N ASP A 322 -23.14 13.40 0.25
CA ASP A 322 -23.50 12.77 -1.00
C ASP A 322 -23.18 13.68 -2.17
N ALA A 323 -23.17 15.01 -1.95
CA ALA A 323 -22.87 15.93 -3.03
C ALA A 323 -21.45 15.69 -3.55
N CYS A 324 -20.53 15.34 -2.66
CA CYS A 324 -19.15 15.05 -3.02
C CYS A 324 -19.05 13.68 -3.68
N VAL A 325 -19.78 12.69 -3.17
CA VAL A 325 -19.68 11.36 -3.79
C VAL A 325 -20.27 11.43 -5.19
N LYS A 326 -21.42 12.06 -5.32
CA LYS A 326 -22.06 12.19 -6.63
C LYS A 326 -21.11 12.82 -7.63
N ALA A 327 -20.45 13.89 -7.20
CA ALA A 327 -19.54 14.59 -8.09
C ALA A 327 -18.36 13.71 -8.52
N LEU A 328 -17.85 12.89 -7.62
CA LEU A 328 -16.87 11.90 -8.05
C LEU A 328 -17.45 10.95 -9.09
N VAL A 329 -18.67 10.46 -8.89
CA VAL A 329 -19.31 9.55 -9.85
C VAL A 329 -19.51 10.23 -11.18
N SER A 330 -20.01 11.47 -11.17
CA SER A 330 -20.18 12.19 -12.44
C SER A 330 -18.90 12.26 -13.24
N LEU A 331 -17.79 12.54 -12.56
CA LEU A 331 -16.49 12.63 -13.23
C LEU A 331 -16.04 11.29 -13.77
N ARG A 332 -16.20 10.25 -12.97
CA ARG A 332 -15.77 8.94 -13.43
C ARG A 332 -16.68 8.39 -14.52
N SER A 333 -17.93 8.81 -14.54
CA SER A 333 -18.80 8.43 -15.65
C SER A 333 -18.39 9.16 -16.93
N TYR A 334 -18.25 10.49 -16.87
CA TYR A 334 -17.69 11.20 -18.01
C TYR A 334 -16.39 10.56 -18.45
N HIS A 335 -15.49 10.30 -17.52
CA HIS A 335 -14.21 9.67 -17.85
C HIS A 335 -14.38 8.35 -18.59
N LEU A 336 -15.31 7.48 -18.15
CA LEU A 336 -15.54 6.21 -18.85
C LEU A 336 -16.12 6.43 -20.26
N GLN A 337 -16.95 7.44 -20.46
CA GLN A 337 -17.39 7.76 -21.82
C GLN A 337 -16.23 8.19 -22.72
N ILE A 338 -15.18 8.78 -22.13
CA ILE A 338 -13.99 9.20 -22.89
C ILE A 338 -13.18 7.97 -23.29
N VAL A 339 -12.96 7.06 -22.35
CA VAL A 339 -12.23 5.83 -22.65
C VAL A 339 -12.96 5.03 -23.74
N THR A 340 -14.30 4.99 -23.73
CA THR A 340 -15.01 4.33 -24.84
C THR A 340 -14.62 4.97 -26.17
N LYS A 341 -14.53 6.31 -26.21
CA LYS A 341 -14.28 6.98 -27.48
C LYS A 341 -12.83 6.93 -27.89
N TYR A 342 -11.92 7.00 -26.92
CA TYR A 342 -10.50 7.14 -27.22
C TYR A 342 -9.73 5.82 -27.15
N ILE A 343 -10.38 4.73 -26.74
CA ILE A 343 -9.69 3.45 -26.69
C ILE A 343 -10.60 2.37 -27.26
N LEU A 344 -11.76 2.15 -26.64
CA LEU A 344 -12.60 1.04 -27.07
C LEU A 344 -12.92 1.14 -28.56
N ILE A 345 -13.43 2.27 -28.99
CA ILE A 345 -13.79 2.41 -30.40
C ILE A 345 -12.59 2.37 -31.32
N PRO A 346 -11.52 3.15 -31.08
CA PRO A 346 -10.32 3.03 -31.95
C PRO A 346 -9.72 1.64 -32.02
N ALA A 347 -9.69 0.90 -30.92
CA ALA A 347 -9.16 -0.46 -30.96
C ALA A 347 -9.97 -1.35 -31.88
N SER A 348 -11.26 -1.07 -32.06
CA SER A 348 -12.04 -1.92 -32.96
C SER A 348 -11.78 -1.57 -34.43
N GLN A 349 -10.63 -0.93 -34.76
CA GLN A 349 -10.28 -0.53 -36.14
C GLN A 349 -8.79 -0.68 -36.51
N THR A 368 -4.36 -4.50 -19.42
CA THR A 368 -4.07 -3.38 -20.36
C THR A 368 -4.95 -3.44 -21.66
N GLY A 369 -5.77 -4.47 -21.79
CA GLY A 369 -6.69 -4.54 -22.92
C GLY A 369 -7.90 -3.65 -22.71
N GLY A 370 -8.60 -3.36 -23.81
CA GLY A 370 -9.72 -2.44 -23.72
C GLY A 370 -10.70 -2.84 -22.62
N THR A 371 -11.11 -4.11 -22.62
CA THR A 371 -12.13 -4.50 -21.66
C THR A 371 -11.58 -4.56 -20.24
N ASP A 372 -10.30 -4.92 -20.07
CA ASP A 372 -9.72 -4.87 -18.72
C ASP A 372 -9.69 -3.44 -18.17
N LEU A 373 -9.45 -2.42 -19.01
CA LEU A 373 -9.33 -1.07 -18.47
C LEU A 373 -10.68 -0.51 -18.11
N MET A 374 -11.69 -0.74 -18.96
CA MET A 374 -13.06 -0.32 -18.67
C MET A 374 -13.58 -0.93 -17.38
N ASN A 375 -13.26 -2.21 -17.16
CA ASN A 375 -13.70 -2.90 -15.94
C ASN A 375 -13.01 -2.37 -14.70
N PHE A 376 -11.75 -1.98 -14.83
CA PHE A 376 -11.07 -1.33 -13.72
C PHE A 376 -11.79 -0.05 -13.38
N LEU A 377 -11.93 0.84 -14.37
CA LEU A 377 -12.67 2.08 -14.15
C LEU A 377 -14.08 1.82 -13.62
N LYS A 378 -14.77 0.77 -14.11
CA LYS A 378 -16.14 0.53 -13.63
C LYS A 378 -16.14 0.12 -12.18
N THR A 379 -15.21 -0.74 -11.78
CA THR A 379 -15.05 -1.09 -10.38
C THR A 379 -14.82 0.14 -9.49
N VAL A 380 -13.95 1.06 -9.92
CA VAL A 380 -13.75 2.27 -9.14
C VAL A 380 -15.02 3.08 -9.12
N ARG A 381 -15.68 3.23 -10.26
CA ARG A 381 -16.94 3.95 -10.25
C ARG A 381 -17.97 3.28 -9.35
N SER A 382 -18.17 1.97 -9.52
CA SER A 382 -19.21 1.31 -8.72
C SER A 382 -18.93 1.51 -7.23
N THR A 383 -17.65 1.51 -6.83
CA THR A 383 -17.31 1.69 -5.43
C THR A 383 -17.56 3.12 -4.95
N THR A 384 -17.39 4.10 -5.82
CA THR A 384 -17.85 5.44 -5.49
C THR A 384 -19.36 5.44 -5.32
N GLU A 385 -20.08 4.87 -6.30
CA GLU A 385 -21.54 4.77 -6.27
C GLU A 385 -22.01 4.20 -4.93
N LYS A 386 -21.42 3.09 -4.51
CA LYS A 386 -21.86 2.40 -3.31
C LYS A 386 -21.65 3.18 -2.02
N SER A 387 -20.98 4.33 -2.05
CA SER A 387 -20.65 5.07 -0.84
C SER A 387 -21.68 6.13 -0.48
N LEU A 388 -22.69 6.28 -1.31
CA LEU A 388 -23.78 7.23 -1.07
C LEU A 388 -24.69 6.77 0.10
N LEU A 389 -25.47 7.70 0.63
CA LEU A 389 -26.35 7.43 1.77
C LEU A 389 -27.81 7.77 1.40
N SER B 1 -3.11 11.68 19.30
CA SER B 1 -3.13 12.35 17.96
C SER B 1 -2.12 11.79 16.92
N LYS B 2 -2.35 10.56 16.39
CA LYS B 2 -3.41 9.63 16.84
C LYS B 2 -2.76 8.63 17.86
N GLU B 3 -3.46 7.61 18.41
CA GLU B 3 -4.73 7.00 17.96
C GLU B 3 -4.43 6.18 16.72
N TYR B 4 -3.34 5.41 16.91
CA TYR B 4 -2.95 4.29 16.08
C TYR B 4 -3.25 2.95 16.80
N HIS B 5 -4.00 3.00 17.91
CA HIS B 5 -4.34 1.82 18.70
C HIS B 5 -3.09 1.04 19.07
N ILE B 6 -2.17 1.75 19.72
CA ILE B 6 -0.88 1.23 20.17
C ILE B 6 -0.89 1.38 21.67
N ASP B 7 -1.13 0.29 22.35
CA ASP B 7 -1.15 0.30 23.80
C ASP B 7 0.28 0.39 24.35
N GLU B 8 0.47 1.15 25.43
CA GLU B 8 1.84 1.34 25.90
C GLU B 8 2.43 0.08 26.53
N GLU B 9 1.61 -0.85 27.03
CA GLU B 9 2.13 -2.05 27.66
C GLU B 9 2.35 -3.20 26.69
N VAL B 10 1.41 -3.43 25.76
CA VAL B 10 1.49 -4.55 24.82
C VAL B 10 1.67 -4.10 23.37
N GLY B 11 1.70 -2.80 23.10
CA GLY B 11 2.00 -2.37 21.75
C GLY B 11 0.93 -2.65 20.72
N PHE B 12 1.22 -3.53 19.76
CA PHE B 12 0.22 -3.76 18.73
C PHE B 12 -0.81 -4.80 19.15
N ALA B 13 -0.51 -5.60 20.17
CA ALA B 13 -1.48 -6.56 20.68
C ALA B 13 -2.70 -5.84 21.20
N LEU B 14 -3.84 -6.50 21.05
CA LEU B 14 -5.09 -6.06 21.62
C LEU B 14 -4.92 -6.17 23.13
N PRO B 15 -4.83 -5.08 23.88
CA PRO B 15 -4.73 -5.23 25.33
C PRO B 15 -6.02 -5.86 25.84
N ASN B 16 -5.91 -6.58 26.96
CA ASN B 16 -6.97 -7.34 27.65
C ASN B 16 -8.10 -7.75 26.71
N PRO B 17 -7.84 -8.72 25.82
CA PRO B 17 -8.86 -9.10 24.85
C PRO B 17 -10.09 -9.65 25.53
N GLN B 18 -11.23 -9.42 24.89
CA GLN B 18 -12.48 -9.91 25.42
C GLN B 18 -12.53 -11.42 25.22
N GLU B 19 -13.10 -12.13 26.19
CA GLU B 19 -13.16 -13.60 26.17
C GLU B 19 -14.50 -14.14 25.75
N ASN B 20 -15.59 -13.47 26.11
CA ASN B 20 -16.93 -13.98 25.85
C ASN B 20 -17.71 -12.97 25.04
N LEU B 21 -18.55 -13.46 24.14
CA LEU B 21 -19.43 -12.63 23.35
C LEU B 21 -20.77 -12.50 24.03
N PRO B 22 -21.63 -11.60 23.55
CA PRO B 22 -22.98 -11.55 24.10
C PRO B 22 -23.67 -12.89 23.93
N ASP B 23 -24.61 -13.17 24.84
CA ASP B 23 -25.39 -14.39 24.72
C ASP B 23 -25.95 -14.56 23.30
N PHE B 24 -26.24 -13.47 22.60
CA PHE B 24 -26.76 -13.62 21.23
C PHE B 24 -25.90 -14.58 20.42
N TYR B 25 -24.60 -14.68 20.73
CA TYR B 25 -23.67 -15.40 19.86
C TYR B 25 -23.18 -16.73 20.43
N ASN B 26 -23.92 -17.33 21.38
CA ASN B 26 -23.45 -18.54 22.04
C ASN B 26 -23.23 -19.68 21.06
N ASP B 27 -23.93 -19.68 19.94
CA ASP B 27 -23.77 -20.79 19.00
C ASP B 27 -22.47 -20.69 18.22
N TRP B 28 -21.95 -19.47 18.05
CA TRP B 28 -20.61 -19.30 17.51
C TRP B 28 -19.59 -19.75 18.54
N MET B 29 -19.75 -19.27 19.78
CA MET B 29 -18.81 -19.59 20.84
C MET B 29 -18.72 -21.08 21.04
N PHE B 30 -19.88 -21.76 21.06
CA PHE B 30 -19.81 -23.19 21.28
C PHE B 30 -18.89 -23.83 20.25
N ILE B 31 -19.07 -23.51 18.95
CA ILE B 31 -18.26 -24.18 17.93
C ILE B 31 -16.78 -23.83 18.08
N ALA B 32 -16.47 -22.57 18.38
CA ALA B 32 -15.07 -22.15 18.37
C ALA B 32 -14.33 -22.70 19.57
N LYS B 33 -15.04 -22.87 20.68
CA LYS B 33 -14.44 -23.40 21.90
C LYS B 33 -14.22 -24.90 21.81
N HIS B 34 -14.79 -25.55 20.80
CA HIS B 34 -14.83 -27.01 20.75
C HIS B 34 -14.43 -27.50 19.39
N LEU B 35 -13.63 -26.73 18.68
CA LEU B 35 -13.13 -27.17 17.38
C LEU B 35 -12.36 -28.49 17.47
N PRO B 36 -11.58 -28.77 18.51
CA PRO B 36 -10.80 -30.01 18.49
C PRO B 36 -11.74 -31.21 18.56
N ASP B 37 -12.70 -31.15 19.48
CA ASP B 37 -13.65 -32.24 19.66
C ASP B 37 -14.59 -32.39 18.46
N LEU B 38 -15.01 -31.26 17.85
CA LEU B 38 -15.99 -31.30 16.78
C LEU B 38 -15.36 -31.79 15.49
N ILE B 39 -14.11 -31.42 15.26
CA ILE B 39 -13.38 -31.87 14.09
C ILE B 39 -13.11 -33.36 14.20
N GLU B 40 -12.62 -33.80 15.37
CA GLU B 40 -12.20 -35.17 15.55
C GLU B 40 -13.38 -36.14 15.40
N SER B 41 -14.58 -35.71 15.78
CA SER B 41 -15.79 -36.52 15.72
C SER B 41 -16.56 -36.32 14.44
N GLY B 42 -15.99 -35.61 13.47
CA GLY B 42 -16.59 -35.46 12.16
C GLY B 42 -17.84 -34.61 12.16
N GLN B 43 -17.93 -33.64 13.07
CA GLN B 43 -19.19 -32.95 13.31
C GLN B 43 -19.10 -31.45 13.25
N LEU B 44 -17.90 -30.89 13.08
CA LEU B 44 -17.75 -29.45 12.89
C LEU B 44 -18.55 -28.97 11.69
N ARG B 45 -18.40 -29.62 10.56
CA ARG B 45 -19.04 -29.10 9.37
C ARG B 45 -20.55 -29.10 9.49
N GLU B 46 -21.09 -30.16 10.10
CA GLU B 46 -22.51 -30.21 10.38
C GLU B 46 -22.92 -29.08 11.30
N ARG B 47 -22.17 -28.87 12.37
CA ARG B 47 -22.56 -27.86 13.32
C ARG B 47 -22.47 -26.47 12.70
N VAL B 48 -21.55 -26.27 11.77
CA VAL B 48 -21.50 -24.99 11.04
C VAL B 48 -22.71 -24.87 10.12
N GLU B 49 -22.96 -25.92 9.31
CA GLU B 49 -24.06 -25.90 8.36
C GLU B 49 -25.41 -25.72 9.05
N LYS B 50 -25.59 -26.22 10.25
CA LYS B 50 -26.87 -26.06 10.91
C LYS B 50 -27.05 -24.67 11.54
N LEU B 51 -26.11 -23.75 11.36
CA LEU B 51 -26.20 -22.47 12.05
C LEU B 51 -27.19 -21.52 11.38
N ASN B 52 -27.83 -20.69 12.19
CA ASN B 52 -28.65 -19.60 11.65
C ASN B 52 -27.87 -18.31 11.54
N MET B 53 -28.18 -17.52 10.51
CA MET B 53 -27.44 -16.29 10.28
C MET B 53 -27.76 -15.29 11.38
N LEU B 54 -26.72 -14.74 11.99
CA LEU B 54 -26.86 -13.79 13.07
C LEU B 54 -26.33 -12.43 12.61
N SER B 55 -27.11 -11.39 12.90
CA SER B 55 -26.67 -10.02 12.73
C SER B 55 -25.33 -9.85 13.42
N ILE B 56 -24.46 -9.00 12.84
CA ILE B 56 -23.23 -8.62 13.55
C ILE B 56 -23.52 -7.37 14.36
N ASP B 57 -24.80 -6.96 14.39
CA ASP B 57 -25.18 -5.64 14.89
C ASP B 57 -25.11 -5.55 16.42
N HIS B 58 -25.14 -6.68 17.14
CA HIS B 58 -24.98 -6.71 18.59
C HIS B 58 -23.53 -6.74 19.03
N LEU B 59 -22.59 -6.79 18.09
CA LEU B 59 -21.17 -6.68 18.39
C LEU B 59 -20.86 -5.20 18.45
N THR B 60 -20.89 -4.69 19.68
CA THR B 60 -21.10 -3.27 19.88
C THR B 60 -19.82 -2.48 20.05
N ASP B 61 -18.82 -3.00 20.74
CA ASP B 61 -17.53 -2.30 20.93
C ASP B 61 -16.41 -2.96 20.12
N HIS B 62 -15.26 -2.30 20.03
CA HIS B 62 -14.18 -2.80 19.17
C HIS B 62 -13.68 -4.17 19.62
N LYS B 63 -13.46 -4.35 20.94
CA LYS B 63 -13.01 -5.65 21.46
C LYS B 63 -14.01 -6.77 21.17
N SER B 64 -15.32 -6.48 21.20
CA SER B 64 -16.33 -7.45 20.76
C SER B 64 -16.11 -7.85 19.30
N GLN B 65 -15.98 -6.89 18.40
CA GLN B 65 -15.83 -7.21 16.99
C GLN B 65 -14.55 -8.01 16.74
N ARG B 66 -13.50 -7.75 17.52
CA ARG B 66 -12.25 -8.51 17.33
C ARG B 66 -12.40 -9.94 17.79
N LEU B 67 -13.08 -10.16 18.92
CA LEU B 67 -13.27 -11.55 19.38
C LEU B 67 -14.08 -12.34 18.37
N ALA B 68 -15.10 -11.73 17.76
CA ALA B 68 -15.94 -12.46 16.82
C ALA B 68 -15.19 -12.74 15.51
N ARG B 69 -14.32 -11.81 15.12
CA ARG B 69 -13.41 -12.09 14.02
C ARG B 69 -12.51 -13.27 14.32
N LEU B 70 -11.94 -13.30 15.52
CA LEU B 70 -11.16 -14.47 15.91
C LEU B 70 -12.02 -15.73 15.86
N VAL B 71 -13.17 -15.72 16.56
CA VAL B 71 -14.14 -16.83 16.49
C VAL B 71 -14.44 -17.24 15.07
N LEU B 72 -14.93 -16.30 14.27
CA LEU B 72 -15.37 -16.68 12.94
C LEU B 72 -14.20 -17.09 12.06
N GLY B 73 -13.01 -16.58 12.35
CA GLY B 73 -11.84 -16.95 11.56
C GLY B 73 -11.39 -18.36 11.86
N CYS B 74 -11.46 -18.76 13.13
CA CYS B 74 -11.11 -20.12 13.51
C CYS B 74 -12.12 -21.12 12.96
N ILE B 75 -13.41 -20.86 13.20
CA ILE B 75 -14.45 -21.70 12.61
C ILE B 75 -14.17 -21.91 11.14
N THR B 76 -13.94 -20.81 10.41
CA THR B 76 -13.71 -20.87 8.96
C THR B 76 -12.52 -21.76 8.61
N MET B 77 -11.38 -21.58 9.29
CA MET B 77 -10.26 -22.47 8.99
C MET B 77 -10.65 -23.91 9.20
N ALA B 78 -11.28 -24.20 10.36
CA ALA B 78 -11.74 -25.58 10.66
C ALA B 78 -12.70 -26.09 9.60
N TYR B 79 -13.58 -25.23 9.11
CA TYR B 79 -14.60 -25.71 8.18
C TYR B 79 -13.98 -26.03 6.84
N VAL B 80 -13.09 -25.16 6.37
CA VAL B 80 -12.45 -25.33 5.07
C VAL B 80 -11.52 -26.53 5.09
N TRP B 81 -10.65 -26.58 6.11
CA TRP B 81 -9.61 -27.57 6.17
C TRP B 81 -10.10 -28.88 6.77
N GLY B 82 -11.13 -28.81 7.63
CA GLY B 82 -11.67 -30.00 8.26
C GLY B 82 -10.70 -30.69 9.19
N LYS B 83 -10.49 -31.99 8.96
CA LYS B 83 -9.54 -32.78 9.73
C LYS B 83 -8.10 -32.54 9.31
N GLY B 84 -7.90 -31.79 8.23
CA GLY B 84 -6.59 -31.36 7.85
C GLY B 84 -5.78 -32.47 7.25
N HIS B 85 -6.43 -33.34 6.48
CA HIS B 85 -5.74 -34.36 5.72
C HIS B 85 -6.06 -34.31 4.21
N GLY B 86 -6.85 -33.32 3.76
CA GLY B 86 -7.13 -33.23 2.34
C GLY B 86 -8.58 -33.03 1.97
N ASP B 87 -9.51 -33.34 2.86
CA ASP B 87 -10.92 -33.16 2.56
C ASP B 87 -11.29 -31.72 2.87
N VAL B 88 -11.74 -30.98 1.86
CA VAL B 88 -11.81 -29.54 1.91
C VAL B 88 -13.15 -29.05 1.39
N ARG B 89 -13.58 -27.92 1.90
CA ARG B 89 -14.80 -27.27 1.44
C ARG B 89 -14.46 -25.97 0.73
N LYS B 90 -14.96 -25.83 -0.50
CA LYS B 90 -14.71 -24.67 -1.35
C LYS B 90 -15.81 -23.64 -1.25
N VAL B 91 -16.84 -23.90 -0.46
CA VAL B 91 -17.92 -22.97 -0.24
C VAL B 91 -17.99 -22.78 1.24
N LEU B 92 -18.10 -21.54 1.67
CA LEU B 92 -18.29 -21.26 3.06
C LEU B 92 -19.75 -20.94 3.26
N PRO B 93 -20.47 -21.65 4.13
CA PRO B 93 -21.92 -21.48 4.26
C PRO B 93 -22.37 -20.05 4.53
N ARG B 94 -23.32 -19.62 3.73
CA ARG B 94 -23.88 -18.28 3.79
C ARG B 94 -24.12 -17.80 5.22
N ASN B 95 -24.42 -18.71 6.14
CA ASN B 95 -24.87 -18.28 7.45
C ASN B 95 -23.72 -17.85 8.36
N ILE B 96 -22.50 -18.25 8.01
CA ILE B 96 -21.31 -17.77 8.68
C ILE B 96 -20.54 -16.79 7.78
N ALA B 97 -20.46 -17.06 6.48
CA ALA B 97 -19.70 -16.21 5.56
C ALA B 97 -20.26 -14.80 5.45
N VAL B 98 -21.55 -14.62 5.71
CA VAL B 98 -22.12 -13.28 5.56
C VAL B 98 -21.73 -12.44 6.77
N PRO B 99 -22.06 -12.83 8.00
CA PRO B 99 -21.60 -12.04 9.16
C PRO B 99 -20.08 -11.92 9.25
N TYR B 100 -19.34 -12.91 8.73
CA TYR B 100 -17.88 -12.86 8.76
C TYR B 100 -17.41 -11.70 7.88
N CYS B 101 -17.76 -11.75 6.60
CA CYS B 101 -17.44 -10.68 5.65
C CYS B 101 -18.01 -9.30 6.06
N GLN B 102 -19.23 -9.23 6.59
CA GLN B 102 -19.74 -7.95 7.05
C GLN B 102 -18.82 -7.36 8.08
N LEU B 103 -18.45 -8.17 9.07
CA LEU B 103 -17.67 -7.69 10.20
C LEU B 103 -16.22 -7.44 9.76
N SER B 104 -15.73 -8.25 8.84
CA SER B 104 -14.43 -8.01 8.22
C SER B 104 -14.39 -6.65 7.51
N LYS B 105 -15.37 -6.38 6.61
CA LYS B 105 -15.48 -5.08 5.96
C LYS B 105 -15.45 -3.95 6.99
N LYS B 106 -16.16 -4.16 8.10
CA LYS B 106 -16.34 -3.13 9.13
C LYS B 106 -15.02 -2.81 9.85
N LEU B 107 -14.10 -3.77 9.95
CA LEU B 107 -12.80 -3.55 10.59
C LEU B 107 -11.66 -3.46 9.58
N GLU B 108 -11.96 -3.47 8.28
CA GLU B 108 -10.98 -3.38 7.18
C GLU B 108 -9.92 -4.48 7.25
N LEU B 109 -10.37 -5.69 7.59
CA LEU B 109 -9.51 -6.84 7.48
C LEU B 109 -10.12 -7.84 6.50
N PRO B 110 -9.31 -8.66 5.82
CA PRO B 110 -9.88 -9.64 4.92
C PRO B 110 -10.58 -10.73 5.70
N PRO B 111 -11.62 -11.37 5.12
CA PRO B 111 -12.34 -12.47 5.80
C PRO B 111 -11.53 -13.75 5.73
N ILE B 112 -10.38 -13.71 6.39
CA ILE B 112 -9.57 -14.87 6.70
C ILE B 112 -8.90 -14.57 8.04
N LEU B 113 -8.52 -15.63 8.74
CA LEU B 113 -7.74 -15.48 9.96
C LEU B 113 -6.40 -14.83 9.67
N VAL B 114 -6.05 -13.78 10.41
CA VAL B 114 -4.77 -13.12 10.25
C VAL B 114 -4.03 -13.09 11.59
N TYR B 115 -2.72 -12.81 11.49
CA TYR B 115 -1.89 -12.54 12.68
C TYR B 115 -2.60 -11.73 13.75
N ALA B 116 -3.14 -10.57 13.41
CA ALA B 116 -3.88 -9.78 14.39
C ALA B 116 -5.01 -10.55 15.10
N ASP B 117 -5.58 -11.59 14.46
CA ASP B 117 -6.62 -12.39 15.10
C ASP B 117 -5.96 -13.36 16.06
N CYS B 118 -5.23 -14.33 15.49
CA CYS B 118 -4.82 -15.54 16.19
C CYS B 118 -3.65 -15.33 17.14
N VAL B 119 -2.90 -14.23 17.01
CA VAL B 119 -1.85 -13.88 17.96
C VAL B 119 -2.28 -12.69 18.79
N LEU B 120 -2.52 -11.56 18.14
CA LEU B 120 -2.70 -10.31 18.89
C LEU B 120 -4.00 -10.27 19.71
N ALA B 121 -5.06 -11.01 19.32
CA ALA B 121 -6.33 -10.93 20.07
C ALA B 121 -6.69 -12.25 20.76
N ASN B 122 -5.87 -13.27 20.55
CA ASN B 122 -6.12 -14.63 20.95
C ASN B 122 -5.35 -14.97 22.21
N TRP B 123 -5.57 -14.20 23.28
CA TRP B 123 -4.79 -14.44 24.49
C TRP B 123 -5.57 -13.96 25.71
N LYS B 124 -5.25 -14.52 26.86
CA LYS B 124 -5.82 -14.12 28.13
C LYS B 124 -4.74 -14.28 29.21
N LYS B 125 -4.88 -13.51 30.28
CA LYS B 125 -4.13 -13.69 31.50
C LYS B 125 -4.89 -14.68 32.39
N LYS B 126 -4.21 -15.70 32.92
CA LYS B 126 -4.86 -16.61 33.88
C LYS B 126 -5.30 -15.84 35.13
N ASP B 127 -4.32 -15.27 35.88
CA ASP B 127 -4.58 -14.43 37.04
C ASP B 127 -4.41 -12.98 36.62
N PRO B 128 -5.45 -12.16 36.66
CA PRO B 128 -5.29 -10.76 36.24
C PRO B 128 -4.41 -9.91 37.16
N ASN B 129 -3.77 -10.48 38.19
CA ASN B 129 -2.91 -9.75 39.11
C ASN B 129 -1.50 -10.27 39.09
N LYS B 130 -1.13 -11.05 38.07
CA LYS B 130 0.25 -11.49 37.91
C LYS B 130 0.75 -10.98 36.56
N PRO B 131 2.05 -11.01 36.29
CA PRO B 131 2.57 -10.34 35.08
C PRO B 131 2.23 -11.12 33.81
N LEU B 132 2.49 -10.47 32.66
CA LEU B 132 2.33 -11.07 31.33
C LEU B 132 3.49 -12.02 31.03
N THR B 133 3.44 -13.21 31.64
CA THR B 133 4.38 -14.30 31.41
C THR B 133 3.68 -15.46 30.71
N TYR B 134 4.46 -16.40 30.20
CA TYR B 134 3.84 -17.54 29.54
C TYR B 134 3.01 -18.31 30.56
N GLU B 135 3.56 -18.49 31.77
CA GLU B 135 2.91 -19.25 32.85
C GLU B 135 1.56 -18.71 33.19
N ASN B 136 1.44 -17.38 33.26
CA ASN B 136 0.19 -16.70 33.59
C ASN B 136 -0.63 -16.37 32.35
N MET B 137 -0.46 -17.10 31.23
CA MET B 137 -1.22 -16.79 30.01
C MET B 137 -1.72 -18.02 29.26
N ASP B 138 -2.81 -17.84 28.53
CA ASP B 138 -3.40 -18.88 27.68
C ASP B 138 -3.88 -18.25 26.38
N VAL B 139 -4.23 -19.10 25.42
CA VAL B 139 -4.91 -18.66 24.24
C VAL B 139 -6.40 -18.93 24.45
N LEU B 140 -7.21 -18.31 23.61
CA LEU B 140 -8.64 -18.50 23.65
C LEU B 140 -9.10 -19.65 22.77
N PHE B 141 -8.34 -19.98 21.73
CA PHE B 141 -8.82 -20.88 20.70
C PHE B 141 -7.69 -21.68 20.12
N SER B 142 -8.00 -22.95 19.85
CA SER B 142 -7.08 -23.89 19.22
C SER B 142 -7.87 -24.71 18.22
N PHE B 143 -7.14 -25.35 17.34
CA PHE B 143 -7.74 -26.07 16.22
C PHE B 143 -7.89 -27.56 16.53
N ARG B 144 -6.77 -28.22 16.84
CA ARG B 144 -6.76 -29.62 17.27
C ARG B 144 -5.95 -29.75 18.56
N ASP B 145 -6.38 -30.61 19.47
CA ASP B 145 -5.54 -30.92 20.62
C ASP B 145 -4.17 -31.38 20.16
N GLY B 146 -3.14 -30.91 20.84
CA GLY B 146 -1.81 -31.26 20.40
C GLY B 146 -1.24 -30.40 19.30
N ASP B 147 -2.01 -29.48 18.74
CA ASP B 147 -1.49 -28.68 17.64
C ASP B 147 -0.54 -27.59 18.09
N CYS B 148 -0.16 -27.55 19.37
CA CYS B 148 0.82 -26.58 19.86
C CYS B 148 0.44 -25.13 19.52
N SER B 149 -0.85 -24.85 19.36
CA SER B 149 -1.25 -23.48 19.03
C SER B 149 -1.00 -22.55 20.19
N LYS B 150 -1.04 -23.07 21.41
CA LYS B 150 -0.79 -22.21 22.56
C LYS B 150 0.65 -21.75 22.57
N GLY B 151 1.58 -22.66 22.29
CA GLY B 151 2.98 -22.30 22.32
C GLY B 151 3.36 -21.35 21.21
N PHE B 152 3.04 -21.72 19.97
CA PHE B 152 3.24 -20.85 18.82
C PHE B 152 2.65 -19.46 18.98
N PHE B 153 1.35 -19.36 19.33
CA PHE B 153 0.71 -18.05 19.44
C PHE B 153 1.24 -17.26 20.61
N LEU B 154 1.32 -17.87 21.79
CA LEU B 154 1.69 -17.08 22.97
C LEU B 154 3.13 -16.60 22.91
N VAL B 155 4.05 -17.42 22.42
CA VAL B 155 5.43 -16.99 22.29
C VAL B 155 5.54 -15.86 21.29
N SER B 156 4.88 -15.99 20.13
CA SER B 156 4.90 -14.93 19.14
C SER B 156 4.35 -13.64 19.72
N LEU B 157 3.30 -13.75 20.53
CA LEU B 157 2.75 -12.60 21.21
C LEU B 157 3.75 -12.03 22.21
N LEU B 158 4.43 -12.89 22.96
CA LEU B 158 5.39 -12.39 23.93
C LEU B 158 6.53 -11.65 23.26
N VAL B 159 6.95 -12.09 22.07
CA VAL B 159 8.01 -11.37 21.39
C VAL B 159 7.51 -10.02 20.89
N GLU B 160 6.31 -9.98 20.28
CA GLU B 160 5.59 -8.72 20.07
C GLU B 160 5.64 -7.82 21.31
N ILE B 161 5.19 -8.34 22.44
CA ILE B 161 5.15 -7.52 23.65
C ILE B 161 6.56 -7.05 23.98
N ALA B 162 7.53 -7.96 23.92
CA ALA B 162 8.92 -7.57 24.15
C ALA B 162 9.30 -6.39 23.26
N ALA B 163 9.20 -6.57 21.94
CA ALA B 163 9.45 -5.51 20.98
C ALA B 163 8.61 -4.27 21.26
N ALA B 164 7.45 -4.43 21.90
CA ALA B 164 6.56 -3.30 22.19
C ALA B 164 7.31 -2.20 22.90
N SER B 165 8.06 -2.56 23.94
CA SER B 165 8.73 -1.57 24.78
C SER B 165 9.41 -0.50 23.95
N ALA B 166 9.74 -0.77 22.68
CA ALA B 166 10.52 0.13 21.85
C ALA B 166 9.68 1.09 21.03
N ILE B 167 8.41 0.76 20.80
CA ILE B 167 7.57 1.61 19.98
C ILE B 167 7.30 2.94 20.69
N LYS B 168 7.30 2.94 22.03
CA LYS B 168 7.08 4.18 22.76
C LYS B 168 8.25 5.14 22.60
N VAL B 169 9.41 4.61 22.20
CA VAL B 169 10.61 5.42 22.02
C VAL B 169 10.62 6.14 20.67
N ILE B 170 9.95 5.57 19.67
CA ILE B 170 9.98 6.05 18.29
C ILE B 170 9.60 7.52 18.25
N PRO B 171 8.60 7.95 19.02
CA PRO B 171 8.36 9.40 19.11
C PRO B 171 9.57 10.20 19.59
N THR B 172 10.25 9.78 20.67
CA THR B 172 11.36 10.59 21.17
C THR B 172 12.48 10.65 20.12
N VAL B 173 12.69 9.55 19.39
CA VAL B 173 13.65 9.56 18.29
C VAL B 173 13.33 10.69 17.31
N PHE B 174 12.08 10.79 16.86
CA PHE B 174 11.84 11.79 15.82
C PHE B 174 11.83 13.19 16.38
N LYS B 175 11.52 13.34 17.66
CA LYS B 175 11.52 14.67 18.24
C LYS B 175 12.95 15.14 18.44
N ALA B 176 13.83 14.24 18.92
CA ALA B 176 15.27 14.52 19.00
C ALA B 176 15.86 14.96 17.68
N MET B 177 15.66 14.18 16.63
CA MET B 177 16.21 14.59 15.34
C MET B 177 15.82 16.03 15.00
N GLN B 178 14.53 16.36 15.19
CA GLN B 178 14.03 17.67 14.80
C GLN B 178 14.60 18.75 15.71
N MET B 179 14.71 18.47 16.99
CA MET B 179 15.23 19.42 17.97
C MET B 179 16.75 19.46 18.02
N GLN B 180 17.41 18.66 17.19
CA GLN B 180 18.87 18.51 17.22
C GLN B 180 19.34 18.27 18.66
N GLU B 181 18.95 17.11 19.18
CA GLU B 181 19.24 16.71 20.55
C GLU B 181 19.98 15.38 20.49
N ARG B 182 21.32 15.46 20.36
CA ARG B 182 22.09 14.29 19.96
C ARG B 182 22.15 13.26 21.07
N ASP B 183 22.23 13.70 22.32
CA ASP B 183 22.25 12.74 23.43
C ASP B 183 20.90 12.07 23.63
N THR B 184 19.81 12.82 23.44
CA THR B 184 18.51 12.18 23.53
C THR B 184 18.37 11.14 22.41
N LEU B 185 18.77 11.50 21.19
CA LEU B 185 18.68 10.54 20.11
C LEU B 185 19.48 9.30 20.40
N LEU B 186 20.70 9.45 20.90
CA LEU B 186 21.54 8.27 21.15
C LEU B 186 20.95 7.38 22.24
N LYS B 187 20.41 7.97 23.30
CA LYS B 187 19.85 7.18 24.38
C LYS B 187 18.63 6.39 23.88
N ALA B 188 17.79 7.01 23.04
CA ALA B 188 16.65 6.35 22.43
C ALA B 188 17.08 5.16 21.57
N LEU B 189 17.87 5.40 20.52
CA LEU B 189 18.38 4.30 19.70
C LEU B 189 18.89 3.14 20.56
N LEU B 190 19.60 3.43 21.65
CA LEU B 190 20.16 2.33 22.43
C LEU B 190 19.12 1.61 23.24
N GLU B 191 18.08 2.32 23.69
CA GLU B 191 16.96 1.66 24.34
C GLU B 191 16.23 0.74 23.37
N ILE B 192 15.98 1.22 22.15
CA ILE B 192 15.33 0.39 21.14
C ILE B 192 16.14 -0.88 20.89
N ALA B 193 17.45 -0.73 20.71
CA ALA B 193 18.31 -1.90 20.55
C ALA B 193 18.19 -2.82 21.76
N SER B 194 18.03 -2.24 22.94
CA SER B 194 17.96 -3.06 24.15
C SER B 194 16.63 -3.83 24.20
N CYS B 195 15.55 -3.22 23.73
CA CYS B 195 14.28 -3.95 23.61
C CYS B 195 14.37 -5.06 22.56
N LEU B 196 14.96 -4.81 21.39
CA LEU B 196 15.06 -5.86 20.38
C LEU B 196 16.06 -6.95 20.75
N GLU B 197 17.00 -6.65 21.63
CA GLU B 197 17.93 -7.67 22.12
C GLU B 197 17.24 -8.60 23.12
N LYS B 198 16.34 -8.05 23.95
CA LYS B 198 15.65 -8.87 24.93
C LYS B 198 14.43 -9.55 24.34
N ALA B 199 13.96 -9.10 23.18
CA ALA B 199 12.98 -9.84 22.37
C ALA B 199 13.56 -11.14 21.84
N LEU B 200 14.86 -11.19 21.55
CA LEU B 200 15.46 -12.44 21.13
C LEU B 200 15.52 -13.46 22.26
N GLN B 201 15.69 -13.03 23.52
CA GLN B 201 15.59 -14.00 24.61
C GLN B 201 14.23 -14.69 24.60
N VAL B 202 13.15 -13.90 24.56
CA VAL B 202 11.78 -14.44 24.63
C VAL B 202 11.58 -15.52 23.57
N PHE B 203 12.06 -15.28 22.37
CA PHE B 203 11.98 -16.22 21.26
C PHE B 203 12.49 -17.62 21.63
N HIS B 204 13.33 -17.74 22.68
CA HIS B 204 13.95 -19.02 23.05
C HIS B 204 12.93 -20.02 23.59
N GLN B 205 11.87 -19.52 24.27
CA GLN B 205 10.79 -20.35 24.79
C GLN B 205 10.12 -21.20 23.74
N ILE B 206 10.20 -20.82 22.46
CA ILE B 206 9.49 -21.55 21.43
C ILE B 206 9.76 -23.04 21.56
N HIS B 207 10.99 -23.39 21.94
CA HIS B 207 11.39 -24.79 21.89
C HIS B 207 10.78 -25.58 23.03
N ASP B 208 10.46 -24.91 24.13
CA ASP B 208 9.80 -25.55 25.27
C ASP B 208 8.34 -25.90 24.97
N HIS B 209 7.64 -25.13 24.11
CA HIS B 209 6.20 -25.23 24.00
C HIS B 209 5.71 -25.53 22.60
N VAL B 210 6.59 -25.81 21.64
CA VAL B 210 6.14 -26.19 20.30
C VAL B 210 6.94 -27.39 19.84
N ASN B 211 6.26 -28.34 19.26
CA ASN B 211 6.80 -29.60 18.84
C ASN B 211 6.89 -29.59 17.32
N PRO B 212 8.05 -29.82 16.69
CA PRO B 212 8.12 -29.66 15.22
C PRO B 212 7.13 -30.53 14.46
N LYS B 213 6.74 -31.68 15.02
CA LYS B 213 5.85 -32.57 14.29
C LYS B 213 4.44 -32.00 14.26
N ALA B 214 3.91 -31.68 15.44
CA ALA B 214 2.58 -31.12 15.55
C ALA B 214 2.49 -29.78 14.84
N PHE B 215 3.54 -28.97 14.93
CA PHE B 215 3.50 -27.69 14.23
C PHE B 215 3.37 -27.93 12.74
N PHE B 216 4.16 -28.83 12.20
CA PHE B 216 4.30 -28.83 10.75
C PHE B 216 3.11 -29.51 10.11
N SER B 217 2.73 -30.64 10.65
CA SER B 217 1.78 -31.53 10.03
C SER B 217 0.34 -31.25 10.45
N VAL B 218 0.11 -30.44 11.48
CA VAL B 218 -1.23 -30.05 11.93
C VAL B 218 -1.41 -28.54 11.90
N LEU B 219 -0.76 -27.81 12.82
CA LEU B 219 -1.05 -26.37 12.97
C LEU B 219 -0.78 -25.61 11.68
N ARG B 220 0.29 -25.93 10.98
CA ARG B 220 0.53 -25.29 9.69
C ARG B 220 -0.68 -25.43 8.78
N ILE B 221 -1.36 -26.57 8.85
CA ILE B 221 -2.47 -26.83 7.93
C ILE B 221 -3.64 -25.91 8.19
N TYR B 222 -3.91 -25.58 9.45
CA TYR B 222 -5.11 -24.81 9.77
C TYR B 222 -4.88 -23.34 9.54
N LEU B 223 -3.62 -22.95 9.50
CA LEU B 223 -3.24 -21.56 9.28
C LEU B 223 -3.16 -21.22 7.81
N SER B 224 -3.11 -22.22 6.93
CA SER B 224 -3.03 -21.98 5.49
C SER B 224 -4.23 -21.24 4.98
N GLY B 225 -4.03 -20.63 3.83
CA GLY B 225 -5.01 -19.77 3.22
C GLY B 225 -5.34 -20.24 1.83
N TRP B 226 -6.03 -19.38 1.07
CA TRP B 226 -6.53 -19.73 -0.26
C TRP B 226 -6.11 -18.62 -1.25
N LYS B 227 -4.80 -18.37 -1.33
CA LYS B 227 -4.23 -17.47 -2.33
C LYS B 227 -3.09 -18.25 -2.95
N GLY B 228 -3.26 -18.60 -4.21
CA GLY B 228 -2.33 -19.54 -4.82
C GLY B 228 -2.23 -20.84 -4.06
N ASN B 229 -3.38 -21.38 -3.60
CA ASN B 229 -3.38 -22.71 -2.99
C ASN B 229 -4.02 -23.67 -3.97
N PRO B 230 -3.29 -24.67 -4.46
CA PRO B 230 -3.90 -25.68 -5.36
C PRO B 230 -5.16 -26.33 -4.79
N GLN B 231 -5.20 -26.62 -3.48
CA GLN B 231 -6.38 -27.24 -2.88
C GLN B 231 -7.63 -26.42 -3.19
N LEU B 232 -7.50 -25.10 -3.15
CA LEU B 232 -8.57 -24.19 -3.57
C LEU B 232 -8.02 -23.15 -4.56
N SER B 233 -7.35 -23.64 -5.61
CA SER B 233 -6.72 -22.84 -6.67
C SER B 233 -7.48 -21.57 -6.99
N ASP B 234 -8.82 -21.61 -6.90
CA ASP B 234 -9.64 -20.46 -7.28
C ASP B 234 -10.11 -19.64 -6.08
N GLY B 235 -9.80 -20.09 -4.87
CA GLY B 235 -10.13 -19.33 -3.68
C GLY B 235 -11.34 -19.90 -2.98
N LEU B 236 -12.07 -19.07 -2.26
CA LEU B 236 -13.17 -19.53 -1.40
C LEU B 236 -14.42 -18.72 -1.66
N VAL B 237 -15.54 -19.41 -1.85
CA VAL B 237 -16.82 -18.74 -2.03
C VAL B 237 -17.36 -18.33 -0.67
N TYR B 238 -17.53 -17.02 -0.48
CA TYR B 238 -18.20 -16.52 0.70
C TYR B 238 -19.69 -16.42 0.38
N GLU B 239 -20.31 -17.60 0.23
CA GLU B 239 -21.73 -17.72 -0.12
C GLU B 239 -22.55 -16.60 0.50
N GLY B 240 -23.30 -15.86 -0.31
CA GLY B 240 -24.17 -14.83 0.22
C GLY B 240 -23.55 -13.45 0.30
N PHE B 241 -22.27 -13.30 -0.10
CA PHE B 241 -21.52 -12.05 -0.04
C PHE B 241 -20.75 -11.78 -1.34
N TRP B 242 -20.15 -12.79 -1.96
CA TRP B 242 -19.60 -12.63 -3.29
C TRP B 242 -19.93 -13.88 -4.08
N GLU B 243 -20.61 -13.68 -5.21
CA GLU B 243 -20.90 -14.79 -6.12
C GLU B 243 -19.63 -15.53 -6.51
N ASP B 244 -18.55 -14.82 -6.69
CA ASP B 244 -17.35 -15.47 -7.19
C ASP B 244 -16.39 -15.79 -6.05
N PRO B 245 -15.53 -16.79 -6.27
CA PRO B 245 -14.48 -17.10 -5.30
C PRO B 245 -13.48 -15.97 -5.14
N LYS B 246 -13.20 -15.58 -3.91
CA LYS B 246 -12.14 -14.62 -3.60
C LYS B 246 -10.97 -15.32 -2.89
N GLU B 247 -9.75 -15.01 -3.35
CA GLU B 247 -8.50 -15.52 -2.80
C GLU B 247 -8.00 -14.61 -1.68
N PHE B 248 -7.55 -15.21 -0.57
CA PHE B 248 -6.92 -14.47 0.51
C PHE B 248 -5.79 -15.29 1.11
N ALA B 249 -4.66 -14.64 1.37
CA ALA B 249 -3.51 -15.34 1.91
C ALA B 249 -3.77 -15.79 3.34
N GLY B 250 -3.03 -16.81 3.76
CA GLY B 250 -3.11 -17.25 5.13
C GLY B 250 -2.29 -16.34 6.03
N GLY B 251 -2.35 -16.61 7.33
CA GLY B 251 -1.69 -15.77 8.29
C GLY B 251 -0.18 -15.82 8.17
N SER B 252 0.46 -14.77 8.65
CA SER B 252 1.93 -14.66 8.58
C SER B 252 2.39 -13.56 9.50
N ALA B 253 3.56 -13.73 10.09
CA ALA B 253 4.08 -12.62 10.89
C ALA B 253 4.61 -11.49 10.03
N GLY B 254 4.64 -11.67 8.71
CA GLY B 254 4.77 -10.55 7.81
C GLY B 254 3.63 -9.54 7.93
N GLN B 255 2.53 -9.96 8.55
CA GLN B 255 1.38 -9.13 8.88
C GLN B 255 1.56 -8.44 10.20
N SER B 256 2.72 -8.61 10.81
CA SER B 256 3.05 -8.01 12.09
C SER B 256 3.67 -6.65 11.86
N SER B 257 3.19 -5.69 12.63
CA SER B 257 3.72 -4.33 12.58
C SER B 257 5.03 -4.16 13.33
N VAL B 258 5.31 -4.95 14.37
CA VAL B 258 6.43 -4.58 15.23
C VAL B 258 7.72 -4.55 14.43
N PHE B 259 8.02 -5.60 13.67
CA PHE B 259 9.29 -5.55 12.94
C PHE B 259 9.20 -4.69 11.69
N GLN B 260 8.09 -4.72 10.96
CA GLN B 260 8.03 -3.80 9.85
C GLN B 260 8.27 -2.39 10.35
N CYS B 261 7.82 -2.08 11.55
CA CYS B 261 7.97 -0.70 11.97
C CYS B 261 9.39 -0.37 12.37
N PHE B 262 10.20 -1.34 12.74
CA PHE B 262 11.59 -1.00 13.00
C PHE B 262 12.38 -0.98 11.72
N ASP B 263 12.14 -1.92 10.82
CA ASP B 263 12.65 -1.80 9.47
C ASP B 263 12.38 -0.41 8.93
N VAL B 264 11.17 0.09 9.11
CA VAL B 264 10.82 1.40 8.57
C VAL B 264 11.63 2.49 9.28
N LEU B 265 11.66 2.46 10.61
CA LEU B 265 12.35 3.48 11.39
C LEU B 265 13.81 3.64 10.99
N LEU B 266 14.48 2.51 10.81
CA LEU B 266 15.91 2.44 10.58
C LEU B 266 16.24 2.53 9.10
N GLY B 267 15.24 2.75 8.25
CA GLY B 267 15.53 2.95 6.85
C GLY B 267 15.90 1.70 6.12
N ILE B 268 15.56 0.54 6.67
CA ILE B 268 15.81 -0.74 6.02
C ILE B 268 14.63 -0.99 5.09
N GLN B 269 14.80 -0.72 3.81
CA GLN B 269 13.64 -0.65 2.91
C GLN B 269 13.28 -2.05 2.42
N GLN B 270 12.58 -2.79 3.28
CA GLN B 270 12.16 -4.15 2.94
C GLN B 270 11.14 -4.16 1.81
N THR B 271 10.33 -3.10 1.69
CA THR B 271 9.22 -3.06 0.74
C THR B 271 9.56 -2.30 -0.53
N ALA B 272 10.84 -2.18 -0.86
CA ALA B 272 11.27 -1.52 -2.09
C ALA B 272 11.94 -2.55 -2.99
N GLY B 273 11.99 -2.23 -4.29
CA GLY B 273 12.67 -3.05 -5.27
C GLY B 273 11.75 -3.75 -6.24
N GLY B 274 10.48 -3.93 -5.86
CA GLY B 274 9.57 -4.74 -6.65
C GLY B 274 9.89 -6.23 -6.70
N GLY B 275 10.76 -6.73 -5.80
CA GLY B 275 10.99 -8.17 -5.68
C GLY B 275 9.85 -8.88 -4.95
N HIS B 276 9.99 -10.19 -4.84
CA HIS B 276 8.95 -10.99 -4.21
C HIS B 276 8.78 -10.62 -2.73
N ALA B 277 9.90 -10.43 -2.03
CA ALA B 277 9.88 -10.12 -0.60
C ALA B 277 9.19 -8.80 -0.36
N ALA B 278 9.54 -7.82 -1.16
CA ALA B 278 9.01 -6.50 -0.93
C ALA B 278 7.52 -6.49 -1.17
N GLN B 279 7.07 -7.22 -2.19
CA GLN B 279 5.67 -7.17 -2.57
C GLN B 279 4.81 -7.98 -1.59
N PHE B 280 5.32 -9.12 -1.11
CA PHE B 280 4.65 -9.82 -0.03
C PHE B 280 4.49 -8.92 1.20
N LEU B 281 5.58 -8.29 1.64
CA LEU B 281 5.51 -7.48 2.85
C LEU B 281 4.61 -6.28 2.66
N GLN B 282 4.65 -5.67 1.47
CA GLN B 282 3.70 -4.60 1.15
C GLN B 282 2.25 -5.10 1.18
N ASP B 283 2.00 -6.27 0.53
CA ASP B 283 0.63 -6.79 0.44
C ASP B 283 0.10 -7.22 1.81
N MET B 284 0.97 -7.81 2.63
CA MET B 284 0.59 -8.12 4.01
C MET B 284 0.21 -6.89 4.82
N ARG B 285 0.46 -5.66 4.35
CA ARG B 285 -0.07 -4.52 5.10
C ARG B 285 -1.57 -4.41 4.96
N ARG B 286 -2.14 -5.11 3.98
CA ARG B 286 -3.59 -5.11 3.85
C ARG B 286 -4.24 -6.05 4.85
N TYR B 287 -3.43 -6.90 5.48
CA TYR B 287 -3.88 -7.83 6.50
C TYR B 287 -3.61 -7.32 7.91
N MET B 288 -3.29 -6.02 8.07
CA MET B 288 -3.13 -5.48 9.42
C MET B 288 -4.31 -4.61 9.77
N PRO B 289 -4.57 -4.42 11.05
CA PRO B 289 -5.56 -3.45 11.43
C PRO B 289 -5.25 -2.12 10.77
N PRO B 290 -6.27 -1.42 10.28
CA PRO B 290 -6.00 -0.19 9.52
C PRO B 290 -5.15 0.82 10.27
N ALA B 291 -5.35 0.94 11.57
CA ALA B 291 -4.60 1.92 12.33
C ALA B 291 -3.12 1.56 12.39
N HIS B 292 -2.81 0.27 12.40
CA HIS B 292 -1.41 -0.15 12.34
C HIS B 292 -0.82 0.09 10.96
N ARG B 293 -1.61 -0.15 9.92
CA ARG B 293 -1.17 0.20 8.57
C ARG B 293 -0.80 1.69 8.47
N ASN B 294 -1.56 2.55 9.11
CA ASN B 294 -1.36 3.98 9.05
C ASN B 294 -0.14 4.42 9.83
N PHE B 295 0.11 3.78 10.98
CA PHE B 295 1.32 4.04 11.74
C PHE B 295 2.56 3.79 10.89
N LEU B 296 2.69 2.58 10.37
CA LEU B 296 3.81 2.27 9.49
C LEU B 296 3.92 3.31 8.40
N CYS B 297 2.81 3.55 7.76
CA CYS B 297 2.73 4.50 6.66
C CYS B 297 3.21 5.87 7.10
N SER B 298 2.90 6.25 8.32
CA SER B 298 3.23 7.58 8.79
C SER B 298 4.66 7.65 9.29
N LEU B 299 5.26 6.51 9.70
CA LEU B 299 6.69 6.47 9.95
C LEU B 299 7.46 6.77 8.67
N GLU B 300 6.96 6.27 7.54
CA GLU B 300 7.54 6.57 6.24
C GLU B 300 7.46 8.06 5.89
N SER B 301 6.50 8.79 6.46
CA SER B 301 6.41 10.24 6.30
C SER B 301 7.58 10.96 6.96
N ASN B 302 8.15 10.36 7.99
CA ASN B 302 9.03 11.12 8.85
C ASN B 302 10.42 11.18 8.24
N PRO B 303 11.25 12.12 8.69
CA PRO B 303 12.62 12.19 8.15
C PRO B 303 13.42 10.97 8.57
N SER B 304 14.45 10.68 7.79
CA SER B 304 15.19 9.42 7.86
C SER B 304 16.19 9.41 9.00
N VAL B 305 16.07 8.45 9.89
CA VAL B 305 17.03 8.28 10.97
C VAL B 305 18.39 7.88 10.41
N ARG B 306 18.43 7.10 9.34
CA ARG B 306 19.69 6.60 8.86
C ARG B 306 20.52 7.73 8.25
N GLU B 307 19.86 8.63 7.50
CA GLU B 307 20.61 9.70 6.84
C GLU B 307 21.09 10.71 7.87
N PHE B 308 20.31 10.91 8.92
CA PHE B 308 20.66 11.88 9.95
C PHE B 308 21.93 11.47 10.67
N VAL B 309 21.94 10.23 11.18
CA VAL B 309 23.09 9.65 11.84
C VAL B 309 24.34 9.71 10.95
N LEU B 310 24.18 9.35 9.67
CA LEU B 310 25.27 9.36 8.71
C LEU B 310 25.80 10.75 8.41
N SER B 311 24.98 11.78 8.62
CA SER B 311 25.37 13.13 8.28
C SER B 311 26.35 13.71 9.30
N LYS B 312 26.25 13.30 10.57
CA LYS B 312 26.77 14.07 11.70
C LYS B 312 28.18 13.65 12.15
N GLY B 313 28.85 12.75 11.43
CA GLY B 313 30.21 12.38 11.79
C GLY B 313 30.42 12.02 13.25
N ASP B 314 29.57 11.13 13.73
CA ASP B 314 29.38 10.92 15.16
C ASP B 314 29.40 9.41 15.37
N ALA B 315 30.45 8.89 15.95
CA ALA B 315 30.58 7.44 15.97
C ALA B 315 29.62 6.84 16.96
N GLY B 316 29.41 7.52 18.08
CA GLY B 316 28.49 7.00 19.07
C GLY B 316 27.11 6.77 18.49
N LEU B 317 26.67 7.68 17.61
CA LEU B 317 25.38 7.54 16.94
C LEU B 317 25.37 6.37 15.97
N ARG B 318 26.41 6.26 15.15
CA ARG B 318 26.48 5.12 14.24
C ARG B 318 26.42 3.83 15.03
N GLU B 319 27.16 3.75 16.12
CA GLU B 319 27.19 2.52 16.90
C GLU B 319 25.81 2.19 17.48
N ALA B 320 25.08 3.20 17.96
CA ALA B 320 23.73 2.98 18.50
C ALA B 320 22.74 2.65 17.40
N TYR B 321 22.82 3.32 16.26
CA TYR B 321 21.99 2.90 15.13
C TYR B 321 22.36 1.51 14.65
N ASP B 322 23.64 1.14 14.72
CA ASP B 322 24.04 -0.21 14.34
C ASP B 322 23.59 -1.22 15.39
N ALA B 323 23.55 -0.84 16.67
CA ALA B 323 23.02 -1.71 17.70
C ALA B 323 21.60 -2.15 17.38
N CYS B 324 20.78 -1.23 16.88
CA CYS B 324 19.42 -1.55 16.48
C CYS B 324 19.40 -2.43 15.25
N VAL B 325 20.21 -2.14 14.24
CA VAL B 325 20.18 -3.00 13.06
C VAL B 325 20.70 -4.40 13.39
N LYS B 326 21.63 -4.52 14.34
CA LYS B 326 22.22 -5.83 14.67
C LYS B 326 21.21 -6.69 15.38
N ALA B 327 20.50 -6.06 16.31
CA ALA B 327 19.47 -6.74 17.04
C ALA B 327 18.43 -7.37 16.12
N LEU B 328 18.15 -6.74 14.99
CA LEU B 328 17.21 -7.29 14.03
C LEU B 328 17.84 -8.36 13.16
N VAL B 329 19.13 -8.23 12.85
CA VAL B 329 19.84 -9.32 12.19
C VAL B 329 19.92 -10.53 13.11
N SER B 330 20.03 -10.31 14.42
CA SER B 330 20.14 -11.42 15.38
C SER B 330 18.82 -12.19 15.48
N LEU B 331 17.71 -11.50 15.84
CA LEU B 331 16.37 -11.95 15.46
C LEU B 331 16.51 -12.28 13.99
N ARG B 332 15.68 -13.12 13.45
CA ARG B 332 15.77 -13.31 12.00
C ARG B 332 16.81 -14.37 11.73
N SER B 333 18.09 -14.11 12.00
CA SER B 333 19.07 -15.20 11.96
C SER B 333 18.69 -16.29 12.94
N TYR B 334 18.32 -15.93 14.17
CA TYR B 334 17.75 -16.92 15.07
C TYR B 334 16.46 -17.52 14.51
N HIS B 335 15.63 -16.69 13.88
CA HIS B 335 14.37 -17.14 13.32
C HIS B 335 14.60 -18.14 12.19
N LEU B 336 15.67 -17.97 11.41
CA LEU B 336 16.00 -18.93 10.34
C LEU B 336 16.39 -20.29 10.91
N GLN B 337 17.02 -20.31 12.08
CA GLN B 337 17.28 -21.58 12.75
C GLN B 337 15.97 -22.24 13.15
N ILE B 338 15.00 -21.43 13.56
CA ILE B 338 13.73 -21.96 14.01
C ILE B 338 12.96 -22.55 12.85
N VAL B 339 13.02 -21.89 11.70
CA VAL B 339 12.33 -22.38 10.52
C VAL B 339 12.98 -23.67 10.03
N THR B 340 14.31 -23.77 10.14
CA THR B 340 14.98 -25.02 9.79
C THR B 340 14.43 -26.16 10.66
N LYS B 341 14.28 -25.91 11.96
CA LYS B 341 13.87 -26.94 12.89
C LYS B 341 12.38 -27.30 12.74
N TYR B 342 11.49 -26.30 12.56
CA TYR B 342 10.05 -26.54 12.62
C TYR B 342 9.40 -26.68 11.25
N ILE B 343 10.13 -26.41 10.16
CA ILE B 343 9.56 -26.62 8.84
C ILE B 343 10.47 -27.49 7.98
N LEU B 344 11.73 -27.07 7.79
CA LEU B 344 12.57 -27.74 6.79
C LEU B 344 12.82 -29.19 7.15
N ILE B 345 13.21 -29.43 8.40
CA ILE B 345 13.50 -30.77 8.91
C ILE B 345 12.24 -31.60 8.69
N PRO B 346 11.08 -31.25 9.30
CA PRO B 346 9.87 -32.08 9.09
C PRO B 346 9.40 -32.20 7.66
N ALA B 347 9.55 -31.16 6.83
CA ALA B 347 9.19 -31.27 5.42
C ALA B 347 9.84 -32.48 4.77
N SER B 348 11.17 -32.60 4.93
CA SER B 348 11.88 -33.75 4.36
C SER B 348 11.44 -35.11 4.93
N GLN B 349 10.79 -35.14 6.11
CA GLN B 349 10.36 -36.41 6.71
C GLN B 349 8.84 -36.71 6.58
N GLY B 369 9.39 -24.48 -2.07
CA GLY B 369 8.19 -24.62 -1.24
C GLY B 369 8.42 -24.34 0.23
N GLY B 370 9.27 -25.18 0.85
CA GLY B 370 9.84 -24.91 2.15
C GLY B 370 11.14 -24.14 1.96
N THR B 371 11.65 -24.23 0.74
CA THR B 371 12.84 -23.50 0.32
C THR B 371 12.50 -22.12 -0.24
N ASP B 372 11.34 -21.95 -0.89
CA ASP B 372 10.86 -20.62 -1.22
C ASP B 372 10.62 -19.77 0.04
N LEU B 373 10.24 -20.42 1.16
CA LEU B 373 10.05 -19.70 2.43
C LEU B 373 11.41 -19.28 2.98
N MET B 374 12.42 -20.11 2.78
CA MET B 374 13.75 -19.76 3.30
C MET B 374 14.38 -18.65 2.49
N ASN B 375 14.18 -18.65 1.16
CA ASN B 375 14.75 -17.62 0.32
C ASN B 375 14.10 -16.28 0.60
N PHE B 376 12.82 -16.30 1.00
CA PHE B 376 12.17 -15.07 1.41
C PHE B 376 12.79 -14.54 2.70
N LEU B 377 12.98 -15.42 3.69
CA LEU B 377 13.51 -14.99 4.98
C LEU B 377 14.98 -14.58 4.84
N LYS B 378 15.75 -15.32 4.03
CA LYS B 378 17.15 -14.96 3.76
C LYS B 378 17.24 -13.56 3.14
N THR B 379 16.36 -13.25 2.18
CA THR B 379 16.32 -11.93 1.58
C THR B 379 15.98 -10.84 2.58
N VAL B 380 15.02 -11.07 3.50
CA VAL B 380 14.70 -10.03 4.48
C VAL B 380 15.88 -9.82 5.43
N ARG B 381 16.58 -10.91 5.80
CA ARG B 381 17.74 -10.82 6.66
C ARG B 381 18.91 -10.14 5.95
N SER B 382 19.21 -10.58 4.72
CA SER B 382 20.24 -9.93 3.95
C SER B 382 19.96 -8.43 3.78
N THR B 383 18.71 -8.04 3.50
CA THR B 383 18.44 -6.61 3.40
C THR B 383 18.71 -5.90 4.73
N THR B 384 18.44 -6.56 5.86
CA THR B 384 18.75 -5.97 7.15
C THR B 384 20.25 -5.84 7.35
N GLU B 385 20.99 -6.91 7.04
CA GLU B 385 22.39 -6.94 7.39
C GLU B 385 23.18 -5.92 6.58
N LYS B 386 22.80 -5.77 5.31
CA LYS B 386 23.29 -4.74 4.40
C LYS B 386 22.95 -3.32 4.85
N SER B 387 22.20 -3.10 5.94
CA SER B 387 21.95 -1.74 6.43
C SER B 387 22.94 -1.32 7.52
N LEU B 388 23.83 -2.20 7.95
CA LEU B 388 24.86 -1.83 8.90
C LEU B 388 25.84 -0.80 8.32
N LEU B 389 26.46 -0.03 9.21
CA LEU B 389 27.42 1.00 8.82
C LEU B 389 28.89 0.53 8.95
CHA HEM C . -7.42 6.21 -15.16
CHB HEM C . -7.83 6.71 -19.92
CHC HEM C . -8.32 11.48 -19.49
CHD HEM C . -8.07 10.99 -14.70
C1A HEM C . -7.48 5.98 -16.50
C2A HEM C . -7.37 4.66 -17.09
C3A HEM C . -7.51 4.77 -18.40
C4A HEM C . -7.68 6.18 -18.67
CMA HEM C . -7.48 3.62 -19.43
CAA HEM C . -7.20 3.38 -16.29
CBA HEM C . -5.93 3.47 -15.43
CGA HEM C . -4.82 3.26 -16.36
O1A HEM C . -5.07 2.48 -17.31
O2A HEM C . -3.75 3.89 -16.11
C1B HEM C . -7.98 8.03 -20.21
C2B HEM C . -8.14 8.56 -21.52
C3B HEM C . -8.30 9.90 -21.43
C4B HEM C . -8.23 10.21 -20.02
CMB HEM C . -8.17 7.63 -22.75
CAB HEM C . -8.46 11.02 -22.50
CBB HEM C . -8.08 10.92 -23.79
C1C HEM C . -8.28 11.77 -18.16
C2C HEM C . -8.27 13.11 -17.62
C3C HEM C . -8.16 13.02 -16.31
C4C HEM C . -8.14 11.59 -15.96
CMC HEM C . -8.31 14.42 -18.42
CAC HEM C . -8.15 14.27 -15.41
CBC HEM C . -7.08 14.50 -14.61
C1D HEM C . -7.95 9.64 -14.43
C2D HEM C . -8.00 9.03 -13.10
C3D HEM C . -7.85 7.71 -13.21
C4D HEM C . -7.67 7.43 -14.62
CMD HEM C . -8.19 9.81 -11.81
CAD HEM C . -7.78 6.70 -12.05
CBD HEM C . -9.06 5.91 -11.81
CGD HEM C . -10.06 6.77 -11.08
O1D HEM C . -9.69 7.44 -10.10
O2D HEM C . -11.25 6.80 -11.52
NA HEM C . -7.69 6.91 -17.48
NB HEM C . -8.06 9.06 -19.30
NC HEM C . -8.17 10.85 -17.13
ND HEM C . -7.75 8.61 -15.34
FE HEM C . -8.01 8.91 -17.33
C10 HU9 D . -2.77 5.26 -19.93
C13 HU9 D . -3.94 4.57 -22.46
C15 HU9 D . -3.00 6.31 -21.02
C17 HU9 D . -5.18 8.18 -17.77
C01 HU9 D . -3.11 11.13 -17.73
C02 HU9 D . -4.14 10.17 -17.69
C03 HU9 D . -3.91 8.83 -17.88
C04 HU9 D . -2.60 8.41 -18.14
C05 HU9 D . -1.57 9.37 -18.19
C06 HU9 D . -1.83 10.70 -17.98
BR7 HU9 D . 0.33 8.95 -18.47
N08 HU9 D . -2.26 7.00 -18.36
C09 HU9 D . -3.21 5.96 -18.68
C11 HU9 D . -3.64 4.02 -20.05
C12 HU9 D . -3.68 3.45 -21.46
C14 HU9 D . -2.87 5.65 -22.37
O16 HU9 D . -3.10 2.99 -19.24
N18 HU9 D . -6.07 9.13 -17.54
N19 HU9 D . -5.45 10.34 -17.49
CHA HEM E . 7.93 -14.93 8.88
CHB HEM E . 8.11 -19.48 10.49
CHC HEM E . 7.94 -17.95 15.01
CHD HEM E . 8.39 -13.46 13.39
C1A HEM E . 7.98 -16.30 8.93
C2A HEM E . 7.95 -17.17 7.78
C3A HEM E . 8.00 -18.41 8.23
C4A HEM E . 8.02 -18.37 9.68
CMA HEM E . 8.01 -19.68 7.36
CAA HEM E . 7.88 -16.78 6.30
CBA HEM E . 6.52 -17.19 5.74
CGA HEM E . 5.55 -16.11 6.05
O1A HEM E . 6.04 -14.95 6.14
O2A HEM E . 4.33 -16.38 6.21
C1B HEM E . 8.10 -19.45 11.85
C2B HEM E . 8.08 -20.62 12.71
C3B HEM E . 8.01 -20.17 13.97
C4B HEM E . 7.99 -18.75 13.91
CMB HEM E . 8.12 -22.02 12.08
CAB HEM E . 7.96 -20.83 15.35
CBB HEM E . 7.90 -22.14 15.52
C1C HEM E . 8.06 -16.61 14.91
C2C HEM E . 8.18 -15.73 16.05
C3C HEM E . 8.36 -14.53 15.55
C4C HEM E . 8.29 -14.59 14.12
CMC HEM E . 8.20 -16.15 17.52
CAC HEM E . 8.49 -13.20 16.26
CBC HEM E . 7.52 -13.04 17.17
C1D HEM E . 8.32 -13.46 12.04
C2D HEM E . 8.48 -12.28 11.23
C3D HEM E . 8.36 -12.67 9.93
C4D HEM E . 8.10 -14.12 9.96
CMD HEM E . 8.73 -10.91 11.84
CAD HEM E . 8.45 -11.81 8.65
CBD HEM E . 9.85 -11.86 7.99
CGD HEM E . 10.84 -11.03 8.79
O1D HEM E . 10.62 -9.81 8.94
O2D HEM E . 11.83 -11.59 9.33
NA HEM E . 8.04 -17.05 10.10
NB HEM E . 8.08 -18.30 12.61
NC HEM E . 8.09 -15.91 13.72
ND HEM E . 8.09 -14.58 11.26
FE HEM E . 8.10 -16.45 11.88
C10 HU9 F . 3.03 -19.60 8.70
C13 HU9 F . 4.04 -22.35 8.83
C15 HU9 F . 3.04 -20.40 10.01
C17 HU9 F . 5.33 -16.89 11.37
C01 HU9 F . 3.01 -15.98 13.90
C02 HU9 F . 4.13 -16.25 13.09
C03 HU9 F . 4.02 -16.80 11.86
C04 HU9 F . 2.71 -17.14 11.38
C05 HU9 F . 1.60 -16.86 12.19
C06 HU9 F . 1.76 -16.29 13.43
BR7 HU9 F . -0.22 -17.26 11.64
N08 HU9 F . 2.41 -17.73 10.09
C09 HU9 F . 3.40 -18.20 9.14
C11 HU9 F . 4.02 -20.13 7.68
C12 HU9 F . 3.93 -21.63 7.49
C14 HU9 F . 2.91 -21.88 9.76
O16 HU9 F . 3.68 -19.57 6.43
N18 HU9 F . 6.17 -16.41 12.28
N19 HU9 F . 5.43 -15.99 13.35
#